data_9OMH
#
_entry.id   9OMH
#
_cell.length_a   64.180
_cell.length_b   124.290
_cell.length_c   64.770
_cell.angle_alpha   90.000
_cell.angle_beta   93.005
_cell.angle_gamma   90.000
#
_symmetry.space_group_name_H-M   'P 1 21 1'
#
loop_
_entity.id
_entity.type
_entity.pdbx_description
1 polymer Glycosyltransferase
2 non-polymer IMIDAZOLE
3 non-polymer 'CHLORIDE ION'
4 water water
#
_entity_poly.entity_id   1
_entity_poly.type   'polypeptide(L)'
_entity_poly.pdbx_seq_one_letter_code
;MGPEFDITVVIPTFKAEKTVGQCLESVLSQQGVSTEIIVVDGGSPDATISIVQSFSSTNLTIISEPDRGIYDAINKGVSR
AQGGMIGVLGADDVYKPNVLSVVKENASRGVEIVAGLTLIDGQLRADEQYRPAALISGIPFGHNAMFASQEAYRKVGLYD
LAYRICADAEWVHRAIKSDISCRKVEQVFVEFGTEGTSSTNPEEIIAEACSVIQRNFPFLLKEEAKYLLYGVRGWGETSR
IEQILRKYGHESVLFVTALQEAFPAVETAAALEHHHHHH
;
_entity_poly.pdbx_strand_id   A,B,C,D
#
loop_
_chem_comp.id
_chem_comp.type
_chem_comp.name
_chem_comp.formula
CL non-polymer 'CHLORIDE ION' 'Cl -1'
IMD non-polymer IMIDAZOLE 'C3 H5 N2 1'
#
# COMPACT_ATOMS: atom_id res chain seq x y z
N GLU A 4 4.85 -16.75 -19.75
CA GLU A 4 4.28 -17.54 -20.82
C GLU A 4 3.08 -18.37 -20.36
N PHE A 5 3.18 -18.96 -19.18
CA PHE A 5 2.09 -19.76 -18.61
C PHE A 5 1.61 -19.12 -17.32
N ASP A 6 0.29 -18.91 -17.23
CA ASP A 6 -0.28 -18.46 -15.97
C ASP A 6 -0.25 -19.55 -14.91
N ILE A 7 -0.40 -20.81 -15.32
CA ILE A 7 -0.56 -21.93 -14.40
C ILE A 7 0.32 -23.08 -14.88
N THR A 8 0.99 -23.74 -13.93
CA THR A 8 1.50 -25.08 -14.16
C THR A 8 0.75 -26.03 -13.23
N VAL A 9 0.24 -27.14 -13.79
CA VAL A 9 -0.38 -28.19 -13.00
C VAL A 9 0.55 -29.39 -13.01
N VAL A 10 1.01 -29.78 -11.83
CA VAL A 10 1.83 -30.97 -11.63
C VAL A 10 0.89 -32.12 -11.28
N ILE A 11 0.96 -33.21 -12.03
CA ILE A 11 0.07 -34.36 -11.85
C ILE A 11 0.93 -35.59 -11.58
N PRO A 12 1.07 -35.99 -10.31
CA PRO A 12 1.74 -37.27 -10.00
C PRO A 12 0.81 -38.43 -10.38
N THR A 13 1.35 -39.39 -11.15
CA THR A 13 0.56 -40.51 -11.63
C THR A 13 1.22 -41.85 -11.29
N PHE A 14 0.42 -42.81 -10.86
CA PHE A 14 0.88 -44.20 -10.77
C PHE A 14 -0.33 -45.12 -10.92
N LYS A 15 -0.31 -45.95 -11.96
CA LYS A 15 -1.41 -46.87 -12.26
C LYS A 15 -2.75 -46.14 -12.25
N ALA A 16 -2.80 -45.09 -13.08
CA ALA A 16 -3.93 -44.17 -13.09
C ALA A 16 -4.79 -44.28 -14.34
N GLU A 17 -4.76 -45.43 -15.03
CA GLU A 17 -5.45 -45.52 -16.31
C GLU A 17 -6.95 -45.31 -16.18
N LYS A 18 -7.52 -45.55 -15.00
CA LYS A 18 -8.96 -45.43 -14.83
C LYS A 18 -9.43 -43.99 -14.86
N THR A 19 -8.59 -43.06 -14.40
CA THR A 19 -9.04 -41.70 -14.10
C THR A 19 -8.20 -40.59 -14.72
N VAL A 20 -7.03 -40.91 -15.28
CA VAL A 20 -6.11 -39.84 -15.68
C VAL A 20 -6.67 -39.04 -16.85
N GLY A 21 -7.49 -39.66 -17.71
CA GLY A 21 -8.11 -38.90 -18.78
C GLY A 21 -9.03 -37.81 -18.25
N GLN A 22 -9.90 -38.17 -17.30
CA GLN A 22 -10.78 -37.18 -16.70
C GLN A 22 -9.98 -36.07 -16.03
N CYS A 23 -8.91 -36.45 -15.34
CA CYS A 23 -8.05 -35.48 -14.68
C CYS A 23 -7.50 -34.47 -15.68
N LEU A 24 -6.92 -34.96 -16.78
CA LEU A 24 -6.35 -34.06 -17.78
C LEU A 24 -7.41 -33.20 -18.44
N GLU A 25 -8.57 -33.77 -18.76
CA GLU A 25 -9.63 -32.98 -19.35
C GLU A 25 -10.07 -31.84 -18.42
N SER A 26 -10.02 -32.05 -17.10
CA SER A 26 -10.45 -30.99 -16.19
C SER A 26 -9.47 -29.82 -16.16
N VAL A 27 -8.23 -30.04 -16.58
CA VAL A 27 -7.25 -28.97 -16.73
C VAL A 27 -7.34 -28.31 -18.11
N LEU A 28 -7.40 -29.13 -19.14
CA LEU A 28 -7.32 -28.62 -20.52
C LEU A 28 -8.56 -27.80 -20.90
N SER A 29 -9.70 -28.04 -20.25
CA SER A 29 -10.92 -27.28 -20.53
C SER A 29 -10.99 -25.95 -19.80
N GLN A 30 -10.02 -25.64 -18.95
CA GLN A 30 -10.08 -24.42 -18.15
C GLN A 30 -9.96 -23.19 -19.05
N GLN A 31 -10.91 -22.28 -18.91
CA GLN A 31 -10.96 -21.08 -19.73
C GLN A 31 -10.21 -19.93 -19.07
N GLY A 32 -9.75 -19.01 -19.90
CA GLY A 32 -9.18 -17.77 -19.43
C GLY A 32 -7.74 -17.82 -19.00
N VAL A 33 -7.04 -18.92 -19.26
CA VAL A 33 -5.68 -19.10 -18.76
C VAL A 33 -4.82 -19.83 -19.77
N SER A 34 -3.51 -19.63 -19.66
CA SER A 34 -2.51 -20.39 -20.38
C SER A 34 -1.89 -21.35 -19.38
N THR A 35 -1.90 -22.64 -19.69
CA THR A 35 -1.54 -23.67 -18.72
C THR A 35 -0.49 -24.62 -19.27
N GLU A 36 0.46 -24.97 -18.42
CA GLU A 36 1.44 -26.03 -18.67
C GLU A 36 1.08 -27.20 -17.76
N ILE A 37 1.27 -28.42 -18.26
CA ILE A 37 1.03 -29.62 -17.47
C ILE A 37 2.32 -30.41 -17.38
N ILE A 38 2.68 -30.84 -16.19
CA ILE A 38 3.81 -31.73 -15.98
C ILE A 38 3.28 -32.98 -15.28
N VAL A 39 3.24 -34.09 -16.00
CA VAL A 39 2.87 -35.38 -15.44
C VAL A 39 4.14 -36.02 -14.91
N VAL A 40 4.15 -36.41 -13.64
CA VAL A 40 5.29 -37.07 -13.03
C VAL A 40 4.85 -38.49 -12.71
N ASP A 41 5.27 -39.44 -13.52
CA ASP A 41 4.80 -40.81 -13.43
C ASP A 41 5.77 -41.68 -12.63
N GLY A 42 5.20 -42.50 -11.75
CA GLY A 42 5.99 -43.34 -10.88
C GLY A 42 6.29 -44.73 -11.40
N GLY A 43 6.19 -44.92 -12.71
CA GLY A 43 6.52 -46.20 -13.29
C GLY A 43 5.30 -47.05 -13.57
N SER A 44 4.25 -46.44 -14.07
CA SER A 44 2.99 -47.13 -14.32
C SER A 44 3.14 -48.18 -15.40
N PRO A 45 2.86 -49.46 -15.13
CA PRO A 45 2.91 -50.47 -16.18
C PRO A 45 1.60 -50.66 -16.93
N ASP A 46 0.57 -49.86 -16.65
CA ASP A 46 -0.74 -49.98 -17.26
C ASP A 46 -0.83 -49.00 -18.45
N ALA A 47 -2.05 -48.58 -18.79
CA ALA A 47 -2.26 -47.73 -19.96
C ALA A 47 -2.03 -46.25 -19.66
N THR A 48 -1.53 -45.90 -18.47
CA THR A 48 -1.41 -44.49 -18.09
C THR A 48 -0.63 -43.68 -19.12
N ILE A 49 0.59 -44.13 -19.46
CA ILE A 49 1.42 -43.40 -20.41
C ILE A 49 0.72 -43.25 -21.76
N SER A 50 0.10 -44.32 -22.24
CA SER A 50 -0.63 -44.24 -23.51
C SER A 50 -1.73 -43.17 -23.45
N ILE A 51 -2.51 -43.17 -22.37
CA ILE A 51 -3.61 -42.21 -22.25
C ILE A 51 -3.08 -40.79 -22.19
N VAL A 52 -2.03 -40.55 -21.40
CA VAL A 52 -1.49 -39.21 -21.29
C VAL A 52 -1.01 -38.72 -22.66
N GLN A 53 -0.35 -39.57 -23.44
CA GLN A 53 0.14 -39.18 -24.75
C GLN A 53 -0.96 -39.01 -25.78
N SER A 54 -2.20 -39.42 -25.48
CA SER A 54 -3.31 -39.20 -26.39
C SER A 54 -3.75 -37.74 -26.43
N PHE A 55 -3.40 -36.97 -25.40
CA PHE A 55 -3.77 -35.57 -25.34
C PHE A 55 -2.73 -34.70 -26.05
N SER A 56 -3.14 -33.47 -26.37
CA SER A 56 -2.23 -32.50 -26.96
C SER A 56 -0.93 -32.46 -26.16
N SER A 57 0.20 -32.51 -26.87
CA SER A 57 1.50 -32.61 -26.23
C SER A 57 2.28 -31.31 -26.20
N THR A 58 1.80 -30.26 -26.87
CA THR A 58 2.55 -29.01 -26.97
C THR A 58 2.99 -28.52 -25.60
N ASN A 59 2.06 -28.41 -24.67
CA ASN A 59 2.35 -27.86 -23.34
C ASN A 59 2.25 -28.90 -22.25
N LEU A 60 2.56 -30.16 -22.57
CA LEU A 60 2.55 -31.23 -21.58
C LEU A 60 3.86 -31.99 -21.63
N THR A 61 4.49 -32.15 -20.46
CA THR A 61 5.73 -32.88 -20.27
C THR A 61 5.47 -34.09 -19.39
N ILE A 62 6.08 -35.23 -19.72
CA ILE A 62 6.07 -36.41 -18.85
C ILE A 62 7.48 -36.57 -18.28
N ILE A 63 7.60 -36.58 -16.96
CA ILE A 63 8.83 -36.92 -16.27
C ILE A 63 8.71 -38.37 -15.84
N SER A 64 9.65 -39.20 -16.29
CA SER A 64 9.61 -40.63 -16.04
C SER A 64 10.98 -41.05 -15.54
N GLU A 65 11.13 -41.13 -14.23
CA GLU A 65 12.38 -41.60 -13.65
C GLU A 65 12.08 -42.11 -12.25
N PRO A 66 13.00 -42.87 -11.66
CA PRO A 66 12.73 -43.42 -10.32
C PRO A 66 12.53 -42.30 -9.31
N ASP A 67 11.70 -42.58 -8.32
CA ASP A 67 11.41 -41.60 -7.29
C ASP A 67 11.52 -42.25 -5.92
N ARG A 68 11.44 -41.39 -4.89
CA ARG A 68 11.37 -41.80 -3.50
C ARG A 68 9.99 -41.49 -2.92
N GLY A 69 8.93 -41.76 -3.68
CA GLY A 69 7.57 -41.55 -3.23
C GLY A 69 6.93 -40.34 -3.88
N ILE A 70 5.66 -40.14 -3.56
CA ILE A 70 4.85 -39.15 -4.28
C ILE A 70 5.39 -37.74 -4.09
N TYR A 71 5.93 -37.44 -2.89
CA TYR A 71 6.40 -36.07 -2.66
C TYR A 71 7.71 -35.77 -3.39
N ASP A 72 8.55 -36.78 -3.61
CA ASP A 72 9.71 -36.63 -4.48
C ASP A 72 9.26 -36.36 -5.91
N ALA A 73 8.23 -37.07 -6.37
CA ALA A 73 7.68 -36.82 -7.70
C ALA A 73 7.12 -35.41 -7.79
N ILE A 74 6.36 -34.97 -6.79
CA ILE A 74 5.85 -33.61 -6.79
C ILE A 74 7.00 -32.61 -6.86
N ASN A 75 8.05 -32.83 -6.07
CA ASN A 75 9.18 -31.90 -6.07
C ASN A 75 9.81 -31.79 -7.45
N LYS A 76 9.93 -32.91 -8.16
CA LYS A 76 10.51 -32.88 -9.50
C LYS A 76 9.67 -31.99 -10.42
N GLY A 77 8.34 -32.10 -10.31
CA GLY A 77 7.48 -31.29 -11.15
C GLY A 77 7.51 -29.83 -10.77
N VAL A 78 7.45 -29.52 -9.46
CA VAL A 78 7.52 -28.13 -9.02
C VAL A 78 8.82 -27.49 -9.51
N SER A 79 9.93 -28.21 -9.43
CA SER A 79 11.22 -27.66 -9.82
C SER A 79 11.30 -27.32 -11.30
N ARG A 80 10.50 -27.96 -12.15
CA ARG A 80 10.53 -27.70 -13.57
C ARG A 80 9.38 -26.81 -14.03
N ALA A 81 8.48 -26.43 -13.13
CA ALA A 81 7.33 -25.62 -13.49
C ALA A 81 7.76 -24.26 -13.98
N GLN A 82 7.10 -23.79 -15.05
CA GLN A 82 7.33 -22.45 -15.58
C GLN A 82 6.17 -21.50 -15.32
N GLY A 83 5.05 -21.98 -14.77
CA GLY A 83 3.88 -21.14 -14.64
C GLY A 83 3.96 -20.21 -13.45
N GLY A 84 3.20 -19.12 -13.52
CA GLY A 84 3.20 -18.16 -12.43
C GLY A 84 2.69 -18.73 -11.13
N MET A 85 1.66 -19.58 -11.20
CA MET A 85 1.10 -20.27 -10.06
C MET A 85 1.12 -21.76 -10.35
N ILE A 86 1.40 -22.55 -9.33
CA ILE A 86 1.65 -23.98 -9.47
C ILE A 86 0.64 -24.73 -8.62
N GLY A 87 -0.11 -25.63 -9.25
CA GLY A 87 -1.01 -26.50 -8.54
C GLY A 87 -0.57 -27.95 -8.63
N VAL A 88 -1.03 -28.78 -7.70
CA VAL A 88 -0.76 -30.21 -7.69
C VAL A 88 -2.12 -30.91 -7.69
N LEU A 89 -2.38 -31.69 -8.74
CA LEU A 89 -3.65 -32.36 -8.93
C LEU A 89 -3.37 -33.86 -9.03
N GLY A 90 -3.97 -34.64 -8.14
CA GLY A 90 -3.84 -36.07 -8.24
C GLY A 90 -4.54 -36.63 -9.47
N ALA A 91 -4.07 -37.78 -9.92
CA ALA A 91 -4.58 -38.37 -11.17
C ALA A 91 -6.00 -38.89 -11.04
N ASP A 92 -6.53 -39.00 -9.82
CA ASP A 92 -7.93 -39.33 -9.59
C ASP A 92 -8.72 -38.15 -9.05
N ASP A 93 -8.17 -36.93 -9.18
CA ASP A 93 -8.86 -35.70 -8.84
C ASP A 93 -9.28 -34.97 -10.11
N VAL A 94 -10.17 -33.99 -9.96
CA VAL A 94 -10.54 -33.09 -11.04
C VAL A 94 -10.68 -31.68 -10.51
N TYR A 95 -10.26 -30.69 -11.29
CA TYR A 95 -10.57 -29.31 -10.99
C TYR A 95 -11.99 -29.00 -11.48
N LYS A 96 -12.67 -28.10 -10.77
CA LYS A 96 -13.97 -27.63 -11.22
C LYS A 96 -13.80 -26.52 -12.25
N PRO A 97 -14.83 -26.25 -13.06
CA PRO A 97 -14.71 -25.22 -14.09
C PRO A 97 -14.37 -23.85 -13.51
N ASN A 98 -13.59 -23.08 -14.27
CA ASN A 98 -13.28 -21.68 -14.02
C ASN A 98 -12.36 -21.45 -12.83
N VAL A 99 -11.82 -22.52 -12.24
CA VAL A 99 -10.97 -22.40 -11.06
C VAL A 99 -9.64 -21.74 -11.42
N LEU A 100 -9.03 -22.14 -12.54
CA LEU A 100 -7.73 -21.59 -12.88
C LEU A 100 -7.81 -20.09 -13.15
N SER A 101 -8.92 -19.60 -13.71
CA SER A 101 -9.07 -18.16 -13.90
C SER A 101 -9.13 -17.43 -12.56
N VAL A 102 -9.79 -18.03 -11.56
CA VAL A 102 -9.84 -17.43 -10.22
C VAL A 102 -8.45 -17.32 -9.64
N VAL A 103 -7.64 -18.38 -9.80
CA VAL A 103 -6.27 -18.35 -9.32
C VAL A 103 -5.49 -17.23 -10.01
N LYS A 104 -5.59 -17.17 -11.33
CA LYS A 104 -4.86 -16.16 -12.10
C LYS A 104 -5.25 -14.76 -11.63
N GLU A 105 -6.54 -14.50 -11.49
CA GLU A 105 -6.97 -13.14 -11.15
C GLU A 105 -6.49 -12.74 -9.75
N ASN A 106 -6.61 -13.63 -8.78
CA ASN A 106 -6.18 -13.28 -7.43
C ASN A 106 -4.68 -13.20 -7.32
N ALA A 107 -3.96 -14.03 -8.07
CA ALA A 107 -2.51 -13.95 -8.12
C ALA A 107 -2.01 -12.69 -8.83
N SER A 108 -2.81 -12.10 -9.71
CA SER A 108 -2.42 -10.88 -10.39
C SER A 108 -2.18 -9.73 -9.41
N ARG A 109 -2.77 -9.81 -8.22
CA ARG A 109 -2.58 -8.79 -7.20
C ARG A 109 -1.41 -9.08 -6.27
N GLY A 110 -0.68 -10.16 -6.51
CA GLY A 110 0.50 -10.47 -5.74
C GLY A 110 0.33 -11.47 -4.63
N VAL A 111 -0.85 -12.08 -4.48
CA VAL A 111 -1.04 -13.07 -3.45
C VAL A 111 -0.26 -14.32 -3.80
N GLU A 112 0.39 -14.92 -2.81
CA GLU A 112 1.35 -16.00 -3.05
C GLU A 112 0.72 -17.38 -3.00
N ILE A 113 -0.31 -17.59 -2.18
CA ILE A 113 -1.06 -18.84 -2.15
C ILE A 113 -2.53 -18.50 -2.37
N VAL A 114 -3.17 -19.22 -3.28
CA VAL A 114 -4.62 -19.15 -3.48
C VAL A 114 -5.15 -20.56 -3.28
N ALA A 115 -6.08 -20.72 -2.35
CA ALA A 115 -6.61 -22.04 -2.04
C ALA A 115 -8.13 -21.99 -2.02
N GLY A 116 -8.74 -23.12 -2.36
CA GLY A 116 -10.18 -23.21 -2.37
C GLY A 116 -10.68 -24.39 -1.57
N LEU A 117 -11.98 -24.68 -1.67
CA LEU A 117 -12.60 -25.79 -0.97
C LEU A 117 -12.38 -27.10 -1.73
N THR A 118 -12.60 -28.20 -1.02
CA THR A 118 -12.41 -29.54 -1.56
C THR A 118 -13.67 -30.35 -1.29
N LEU A 119 -14.18 -31.04 -2.32
CA LEU A 119 -15.29 -31.96 -2.17
C LEU A 119 -14.74 -33.38 -2.06
N ILE A 120 -15.10 -34.07 -0.97
CA ILE A 120 -14.61 -35.41 -0.66
C ILE A 120 -15.83 -36.29 -0.37
N ASP A 121 -16.07 -37.29 -1.22
CA ASP A 121 -17.20 -38.20 -1.05
C ASP A 121 -18.49 -37.43 -0.81
N GLY A 122 -18.69 -36.37 -1.56
CA GLY A 122 -19.92 -35.62 -1.49
C GLY A 122 -20.03 -34.65 -0.34
N GLN A 123 -18.97 -34.45 0.44
CA GLN A 123 -18.99 -33.49 1.54
C GLN A 123 -17.81 -32.55 1.43
N LEU A 124 -18.00 -31.32 1.87
CA LEU A 124 -16.90 -30.38 1.92
C LEU A 124 -15.90 -30.80 3.00
N ARG A 125 -14.63 -30.77 2.64
CA ARG A 125 -13.57 -30.97 3.63
C ARG A 125 -13.72 -29.93 4.73
N ALA A 126 -13.51 -30.37 5.97
CA ALA A 126 -13.68 -29.52 7.14
C ALA A 126 -12.43 -28.65 7.31
N ASP A 127 -12.35 -27.61 6.48
CA ASP A 127 -11.14 -26.80 6.44
C ASP A 127 -11.03 -25.93 7.69
N GLU A 128 -9.80 -25.57 8.00
CA GLU A 128 -9.45 -24.61 9.05
C GLU A 128 -8.82 -23.39 8.40
N GLN A 129 -8.63 -22.35 9.19
CA GLN A 129 -8.06 -21.14 8.66
C GLN A 129 -6.53 -21.18 8.60
N TYR A 130 -5.99 -20.50 7.59
CA TYR A 130 -4.55 -20.28 7.46
C TYR A 130 -4.18 -19.16 8.43
N ARG A 131 -3.57 -19.55 9.55
CA ARG A 131 -3.29 -18.67 10.70
C ARG A 131 -2.52 -19.51 11.72
N PRO A 132 -2.00 -18.91 12.80
CA PRO A 132 -1.23 -19.71 13.77
C PRO A 132 -1.95 -20.92 14.34
N ALA A 133 -3.28 -20.87 14.51
CA ALA A 133 -4.01 -22.03 15.02
C ALA A 133 -3.81 -23.27 14.15
N ALA A 134 -3.49 -23.11 12.88
CA ALA A 134 -3.23 -24.28 12.03
C ALA A 134 -1.98 -25.04 12.47
N LEU A 135 -1.06 -24.38 13.17
CA LEU A 135 0.22 -24.95 13.55
C LEU A 135 0.10 -25.99 14.66
N ILE A 136 -1.06 -26.11 15.29
CA ILE A 136 -1.34 -27.19 16.23
C ILE A 136 -2.28 -28.21 15.61
N SER A 137 -2.39 -28.20 14.29
CA SER A 137 -3.32 -29.08 13.59
C SER A 137 -2.60 -29.63 12.36
N GLY A 138 -3.39 -30.02 11.36
CA GLY A 138 -2.88 -30.49 10.09
C GLY A 138 -2.91 -29.40 9.03
N ILE A 139 -3.01 -29.82 7.78
CA ILE A 139 -3.07 -28.83 6.70
C ILE A 139 -4.46 -28.18 6.72
N PRO A 140 -4.56 -26.84 6.61
CA PRO A 140 -5.87 -26.19 6.83
C PRO A 140 -6.84 -26.31 5.67
N PHE A 141 -6.34 -26.51 4.46
CA PHE A 141 -7.16 -26.73 3.28
C PHE A 141 -6.60 -27.97 2.59
N GLY A 142 -7.37 -28.54 1.65
CA GLY A 142 -6.86 -29.66 0.90
C GLY A 142 -5.68 -29.26 0.03
N HIS A 143 -4.65 -30.11 0.01
CA HIS A 143 -3.45 -29.74 -0.73
C HIS A 143 -3.72 -29.59 -2.22
N ASN A 144 -4.59 -30.41 -2.77
CA ASN A 144 -4.88 -30.33 -4.20
C ASN A 144 -5.75 -29.14 -4.56
N ALA A 145 -6.30 -28.46 -3.56
CA ALA A 145 -7.02 -27.22 -3.79
C ALA A 145 -6.12 -26.00 -3.62
N MET A 146 -4.82 -26.20 -3.47
CA MET A 146 -3.87 -25.13 -3.25
C MET A 146 -3.08 -24.83 -4.51
N PHE A 147 -2.88 -23.54 -4.76
CA PHE A 147 -1.96 -23.05 -5.78
C PHE A 147 -0.99 -22.11 -5.10
N ALA A 148 0.28 -22.22 -5.45
CA ALA A 148 1.32 -21.40 -4.85
C ALA A 148 2.24 -20.85 -5.93
N SER A 149 2.72 -19.63 -5.73
CA SER A 149 3.50 -18.96 -6.75
C SER A 149 4.93 -19.50 -6.80
N GLN A 150 5.60 -19.19 -7.90
CA GLN A 150 7.03 -19.48 -8.00
C GLN A 150 7.78 -18.91 -6.81
N GLU A 151 7.45 -17.67 -6.43
CA GLU A 151 8.15 -17.04 -5.31
C GLU A 151 7.84 -17.74 -4.00
N ALA A 152 6.60 -18.20 -3.83
CA ALA A 152 6.26 -18.93 -2.61
C ALA A 152 7.11 -20.20 -2.49
N TYR A 153 7.23 -20.94 -3.59
CA TYR A 153 8.05 -22.15 -3.56
C TYR A 153 9.53 -21.82 -3.34
N ARG A 154 10.01 -20.72 -3.94
CA ARG A 154 11.39 -20.32 -3.70
C ARG A 154 11.62 -19.99 -2.23
N LYS A 155 10.69 -19.26 -1.60
CA LYS A 155 10.87 -18.85 -0.22
C LYS A 155 10.74 -20.03 0.75
N VAL A 156 9.71 -20.86 0.56
CA VAL A 156 9.44 -21.93 1.50
C VAL A 156 10.37 -23.12 1.27
N GLY A 157 10.61 -23.46 0.01
CA GLY A 157 11.38 -24.64 -0.33
C GLY A 157 10.49 -25.75 -0.83
N LEU A 158 11.06 -26.95 -0.86
CA LEU A 158 10.35 -28.11 -1.39
C LEU A 158 9.75 -28.95 -0.28
N TYR A 159 8.99 -29.97 -0.67
CA TYR A 159 8.38 -30.87 0.29
C TYR A 159 9.43 -31.75 0.95
N ASP A 160 9.29 -31.92 2.27
CA ASP A 160 10.25 -32.67 3.09
C ASP A 160 9.94 -34.16 2.99
N LEU A 161 10.84 -34.92 2.35
CA LEU A 161 10.57 -36.32 2.09
C LEU A 161 10.57 -37.17 3.35
N ALA A 162 10.99 -36.63 4.50
CA ALA A 162 10.88 -37.41 5.73
C ALA A 162 9.42 -37.71 6.08
N TYR A 163 8.50 -36.91 5.56
CA TYR A 163 7.07 -37.11 5.80
C TYR A 163 6.47 -37.76 4.56
N ARG A 164 6.17 -39.04 4.66
CA ARG A 164 5.61 -39.77 3.53
C ARG A 164 4.14 -39.44 3.28
N ILE A 165 3.46 -38.92 4.30
CA ILE A 165 2.03 -38.66 4.26
C ILE A 165 1.73 -37.18 4.40
N CYS A 166 2.33 -36.53 5.40
CA CYS A 166 1.95 -35.20 5.84
C CYS A 166 2.93 -34.12 5.39
N ALA A 167 3.72 -34.38 4.35
CA ALA A 167 4.63 -33.34 3.89
C ALA A 167 3.86 -32.12 3.39
N ASP A 168 2.62 -32.31 2.94
CA ASP A 168 1.80 -31.18 2.51
C ASP A 168 1.52 -30.24 3.67
N ALA A 169 1.13 -30.79 4.82
CA ALA A 169 0.90 -29.98 6.01
C ALA A 169 2.17 -29.26 6.45
N GLU A 170 3.29 -29.97 6.46
CA GLU A 170 4.53 -29.39 6.94
C GLU A 170 4.96 -28.23 6.06
N TRP A 171 4.69 -28.31 4.76
CA TRP A 171 5.01 -27.22 3.85
C TRP A 171 4.13 -26.01 4.14
N VAL A 172 2.82 -26.23 4.28
CA VAL A 172 1.90 -25.12 4.56
C VAL A 172 2.24 -24.49 5.92
N HIS A 173 2.62 -25.31 6.91
CA HIS A 173 3.04 -24.74 8.19
C HIS A 173 4.27 -23.86 8.03
N ARG A 174 5.24 -24.29 7.20
CA ARG A 174 6.40 -23.44 6.92
C ARG A 174 5.97 -22.13 6.26
N ALA A 175 4.98 -22.19 5.36
CA ALA A 175 4.48 -20.97 4.74
C ALA A 175 3.88 -20.02 5.78
N ILE A 176 3.04 -20.54 6.67
CA ILE A 176 2.47 -19.72 7.74
C ILE A 176 3.57 -19.06 8.56
N LYS A 177 4.58 -19.85 8.94
CA LYS A 177 5.64 -19.34 9.81
C LYS A 177 6.50 -18.31 9.09
N SER A 178 6.56 -18.37 7.75
CA SER A 178 7.29 -17.41 6.94
C SER A 178 6.44 -16.23 6.49
N ASP A 179 5.17 -16.17 6.90
CA ASP A 179 4.27 -15.07 6.55
C ASP A 179 4.02 -14.99 5.04
N ILE A 180 3.96 -16.15 4.38
CA ILE A 180 3.53 -16.19 2.99
C ILE A 180 2.06 -15.77 2.94
N SER A 181 1.72 -14.93 1.95
CA SER A 181 0.35 -14.42 1.87
C SER A 181 -0.56 -15.49 1.29
N CYS A 182 -1.81 -15.49 1.76
CA CYS A 182 -2.77 -16.53 1.36
C CYS A 182 -4.16 -15.94 1.24
N ARG A 183 -4.84 -16.31 0.16
CA ARG A 183 -6.25 -16.01 -0.04
C ARG A 183 -6.99 -17.33 -0.11
N LYS A 184 -7.99 -17.50 0.75
CA LYS A 184 -8.89 -18.64 0.71
C LYS A 184 -10.15 -18.21 -0.04
N VAL A 185 -10.49 -18.94 -1.11
CA VAL A 185 -11.70 -18.68 -1.89
C VAL A 185 -12.74 -19.73 -1.50
N GLU A 186 -13.93 -19.27 -1.09
CA GLU A 186 -14.97 -20.17 -0.59
C GLU A 186 -15.82 -20.74 -1.73
N GLN A 187 -15.14 -21.46 -2.61
CA GLN A 187 -15.80 -22.26 -3.64
C GLN A 187 -14.96 -23.50 -3.88
N VAL A 188 -15.60 -24.55 -4.38
CA VAL A 188 -14.93 -25.82 -4.56
C VAL A 188 -13.96 -25.71 -5.72
N PHE A 189 -12.67 -25.95 -5.45
CA PHE A 189 -11.67 -25.99 -6.51
C PHE A 189 -11.46 -27.41 -7.03
N VAL A 190 -11.56 -28.41 -6.16
CA VAL A 190 -11.22 -29.78 -6.52
C VAL A 190 -12.25 -30.76 -5.96
N GLU A 191 -12.56 -31.79 -6.76
CA GLU A 191 -13.27 -32.97 -6.27
C GLU A 191 -12.21 -34.07 -6.13
N PHE A 192 -11.99 -34.50 -4.89
CA PHE A 192 -10.84 -35.33 -4.51
C PHE A 192 -11.24 -36.80 -4.58
N GLY A 193 -10.49 -37.58 -5.34
CA GLY A 193 -10.81 -38.99 -5.51
C GLY A 193 -10.47 -39.80 -4.27
N THR A 194 -11.34 -40.75 -3.94
CA THR A 194 -11.21 -41.55 -2.73
C THR A 194 -11.05 -43.04 -2.99
N GLU A 195 -11.02 -43.46 -4.26
CA GLU A 195 -10.86 -44.88 -4.57
C GLU A 195 -9.39 -45.28 -4.46
N THR A 200 -4.25 -46.53 4.42
CA THR A 200 -3.04 -46.45 5.23
C THR A 200 -3.35 -46.63 6.71
N ASN A 201 -2.41 -47.16 7.47
CA ASN A 201 -2.61 -47.40 8.89
C ASN A 201 -2.79 -46.07 9.60
N PRO A 202 -3.93 -45.83 10.27
CA PRO A 202 -4.14 -44.51 10.88
C PRO A 202 -3.08 -44.14 11.90
N GLU A 203 -2.49 -45.13 12.56
CA GLU A 203 -1.43 -44.85 13.51
C GLU A 203 -0.23 -44.18 12.84
N GLU A 204 0.05 -44.57 11.59
CA GLU A 204 1.15 -43.92 10.87
C GLU A 204 0.83 -42.47 10.56
N ILE A 205 -0.42 -42.20 10.18
CA ILE A 205 -0.83 -40.83 9.91
C ILE A 205 -0.75 -39.98 11.17
N ILE A 206 -1.19 -40.55 12.30
CA ILE A 206 -1.16 -39.82 13.56
C ILE A 206 0.29 -39.48 13.93
N ALA A 207 1.18 -40.46 13.80
CA ALA A 207 2.58 -40.24 14.15
C ALA A 207 3.18 -39.09 13.35
N GLU A 208 2.93 -39.08 12.04
CA GLU A 208 3.45 -37.99 11.22
C GLU A 208 2.82 -36.65 11.59
N ALA A 209 1.51 -36.64 11.81
CA ALA A 209 0.84 -35.38 12.13
C ALA A 209 1.36 -34.80 13.43
N CYS A 210 1.62 -35.64 14.43
CA CYS A 210 2.18 -35.13 15.68
C CYS A 210 3.59 -34.61 15.47
N SER A 211 4.40 -35.31 14.67
CA SER A 211 5.75 -34.84 14.36
C SER A 211 5.73 -33.48 13.69
N VAL A 212 4.79 -33.27 12.75
CA VAL A 212 4.69 -31.96 12.09
C VAL A 212 4.45 -30.86 13.12
N ILE A 213 3.53 -31.10 14.05
CA ILE A 213 3.21 -30.10 15.07
C ILE A 213 4.42 -29.84 15.96
N GLN A 214 5.15 -30.89 16.30
CA GLN A 214 6.34 -30.71 17.13
C GLN A 214 7.43 -29.94 16.41
N ARG A 215 7.42 -29.96 15.07
CA ARG A 215 8.37 -29.18 14.32
C ARG A 215 8.07 -27.69 14.43
N ASN A 216 6.82 -27.33 14.71
CA ASN A 216 6.50 -25.94 15.00
C ASN A 216 6.81 -25.60 16.45
N PHE A 217 6.54 -26.53 17.37
CA PHE A 217 6.59 -26.28 18.81
C PHE A 217 7.37 -27.43 19.44
N PRO A 218 8.70 -27.35 19.40
CA PRO A 218 9.54 -28.51 19.78
C PRO A 218 9.52 -28.83 21.26
N PHE A 219 8.95 -27.97 22.10
CA PHE A 219 8.82 -28.24 23.52
C PHE A 219 7.70 -29.23 23.83
N LEU A 220 6.83 -29.55 22.85
CA LEU A 220 5.71 -30.43 23.12
C LEU A 220 6.13 -31.88 23.12
N LEU A 221 5.59 -32.66 24.07
CA LEU A 221 5.68 -34.09 23.96
C LEU A 221 4.73 -34.59 22.87
N LYS A 222 5.02 -35.78 22.34
CA LYS A 222 4.19 -36.32 21.27
C LYS A 222 2.73 -36.43 21.70
N GLU A 223 2.48 -36.88 22.93
CA GLU A 223 1.12 -37.05 23.40
C GLU A 223 0.41 -35.71 23.52
N GLU A 224 1.16 -34.63 23.80
CA GLU A 224 0.57 -33.30 23.90
C GLU A 224 0.25 -32.74 22.53
N ALA A 225 1.13 -32.95 21.55
CA ALA A 225 0.80 -32.62 20.17
C ALA A 225 -0.47 -33.34 19.73
N LYS A 226 -0.58 -34.63 20.04
CA LYS A 226 -1.77 -35.38 19.67
C LYS A 226 -3.01 -34.81 20.34
N TYR A 227 -2.92 -34.46 21.62
CA TYR A 227 -4.07 -33.89 22.33
C TYR A 227 -4.53 -32.60 21.66
N LEU A 228 -3.59 -31.74 21.28
CA LEU A 228 -3.97 -30.48 20.64
C LEU A 228 -4.62 -30.72 19.28
N LEU A 229 -4.04 -31.61 18.48
CA LEU A 229 -4.61 -31.92 17.16
C LEU A 229 -6.01 -32.46 17.29
N TYR A 230 -6.21 -33.42 18.20
CA TYR A 230 -7.53 -34.00 18.39
C TYR A 230 -8.51 -32.96 18.93
N GLY A 231 -8.03 -32.07 19.80
CA GLY A 231 -8.91 -31.04 20.34
C GLY A 231 -9.42 -30.10 19.25
N VAL A 232 -8.51 -29.57 18.44
CA VAL A 232 -8.91 -28.58 17.45
C VAL A 232 -9.77 -29.21 16.36
N ARG A 233 -9.55 -30.49 16.04
CA ARG A 233 -10.32 -31.18 15.01
C ARG A 233 -11.67 -31.67 15.50
N GLY A 234 -11.92 -31.59 16.80
CA GLY A 234 -13.18 -32.09 17.34
C GLY A 234 -13.20 -33.58 17.52
N TRP A 235 -12.04 -34.22 17.60
CA TRP A 235 -11.93 -35.66 17.78
C TRP A 235 -11.69 -36.06 19.24
N GLY A 236 -11.36 -35.11 20.10
CA GLY A 236 -10.98 -35.43 21.46
C GLY A 236 -11.32 -34.31 22.41
N GLU A 237 -11.14 -34.58 23.70
CA GLU A 237 -11.50 -33.64 24.73
C GLU A 237 -10.57 -32.43 24.72
N THR A 238 -11.00 -31.37 25.41
CA THR A 238 -10.24 -30.13 25.48
C THR A 238 -10.07 -29.63 26.92
N SER A 239 -10.32 -30.48 27.92
CA SER A 239 -10.28 -30.01 29.30
C SER A 239 -8.88 -29.70 29.78
N ARG A 240 -7.84 -30.21 29.12
CA ARG A 240 -6.46 -29.98 29.52
C ARG A 240 -5.81 -28.82 28.78
N ILE A 241 -6.53 -28.13 27.89
CA ILE A 241 -5.90 -27.08 27.08
C ILE A 241 -5.29 -26.00 27.97
N GLU A 242 -6.04 -25.56 28.99
CA GLU A 242 -5.52 -24.51 29.87
C GLU A 242 -4.24 -24.96 30.57
N GLN A 243 -4.20 -26.21 31.01
CA GLN A 243 -2.98 -26.73 31.63
C GLN A 243 -1.81 -26.71 30.66
N ILE A 244 -2.03 -27.11 29.41
CA ILE A 244 -0.96 -27.08 28.41
C ILE A 244 -0.51 -25.65 28.16
N LEU A 245 -1.47 -24.72 28.15
CA LEU A 245 -1.14 -23.31 27.93
C LEU A 245 -0.30 -22.77 29.08
N ARG A 246 -0.62 -23.12 30.32
CA ARG A 246 0.19 -22.66 31.43
C ARG A 246 1.56 -23.32 31.44
N LYS A 247 1.64 -24.56 30.97
CA LYS A 247 2.92 -25.27 30.98
C LYS A 247 3.91 -24.64 30.03
N TYR A 248 3.44 -24.21 28.85
CA TYR A 248 4.36 -23.82 27.79
C TYR A 248 4.20 -22.38 27.30
N GLY A 249 3.22 -21.63 27.81
CA GLY A 249 2.99 -20.30 27.28
C GLY A 249 4.24 -19.44 27.31
N HIS A 250 5.06 -19.60 28.34
CA HIS A 250 6.30 -18.84 28.44
C HIS A 250 7.25 -19.13 27.29
N GLU A 251 7.09 -20.28 26.62
CA GLU A 251 8.05 -20.67 25.60
C GLU A 251 7.91 -19.83 24.32
N SER A 252 6.69 -19.39 24.00
CA SER A 252 6.43 -18.88 22.65
C SER A 252 5.14 -18.09 22.59
N VAL A 253 5.25 -16.82 22.18
CA VAL A 253 4.05 -16.03 21.94
C VAL A 253 3.23 -16.63 20.81
N LEU A 254 3.90 -17.18 19.79
CA LEU A 254 3.17 -17.81 18.68
C LEU A 254 2.30 -18.96 19.17
N PHE A 255 2.82 -19.75 20.12
CA PHE A 255 2.06 -20.86 20.69
C PHE A 255 0.83 -20.35 21.44
N VAL A 256 1.00 -19.29 22.25
CA VAL A 256 -0.15 -18.71 22.96
C VAL A 256 -1.20 -18.26 21.95
N THR A 257 -0.76 -17.56 20.90
CA THR A 257 -1.68 -17.09 19.87
C THR A 257 -2.39 -18.27 19.19
N ALA A 258 -1.65 -19.34 18.92
CA ALA A 258 -2.27 -20.48 18.26
C ALA A 258 -3.37 -21.08 19.14
N LEU A 259 -3.11 -21.23 20.43
CA LEU A 259 -4.10 -21.84 21.29
C LEU A 259 -5.29 -20.91 21.51
N GLN A 260 -5.05 -19.61 21.61
CA GLN A 260 -6.18 -18.71 21.84
C GLN A 260 -7.07 -18.61 20.60
N GLU A 261 -6.49 -18.73 19.40
CA GLU A 261 -7.30 -18.77 18.19
C GLU A 261 -8.06 -20.09 18.07
N ALA A 262 -7.38 -21.21 18.35
CA ALA A 262 -8.00 -22.51 18.19
C ALA A 262 -9.07 -22.78 19.25
N PHE A 263 -8.87 -22.28 20.47
CA PHE A 263 -9.76 -22.55 21.60
C PHE A 263 -10.15 -21.23 22.24
N PRO A 264 -11.12 -20.52 21.67
CA PRO A 264 -11.49 -19.21 22.22
C PRO A 264 -11.88 -19.26 23.68
N ALA A 265 -12.30 -20.43 24.17
CA ALA A 265 -12.73 -20.55 25.57
C ALA A 265 -11.60 -20.32 26.56
N VAL A 266 -10.34 -20.36 26.12
CA VAL A 266 -9.20 -20.10 26.99
C VAL A 266 -8.68 -18.68 26.84
N GLU A 267 -9.49 -17.78 26.29
CA GLU A 267 -9.01 -16.42 26.04
C GLU A 267 -8.51 -15.75 27.33
N THR A 268 -9.24 -15.90 28.44
CA THR A 268 -8.82 -15.22 29.67
C THR A 268 -7.48 -15.77 30.16
N ALA A 269 -7.26 -17.08 30.01
CA ALA A 269 -5.98 -17.65 30.40
C ALA A 269 -4.86 -17.26 29.44
N ALA A 270 -5.18 -17.17 28.14
CA ALA A 270 -4.19 -16.71 27.18
C ALA A 270 -3.77 -15.27 27.45
N ALA A 271 -4.73 -14.43 27.85
CA ALA A 271 -4.40 -13.05 28.18
C ALA A 271 -3.39 -13.01 29.32
N LEU A 272 -3.50 -13.93 30.27
CA LEU A 272 -2.55 -13.97 31.37
C LEU A 272 -1.16 -14.36 30.89
N GLU A 273 -1.07 -15.32 29.95
CA GLU A 273 0.23 -15.70 29.43
C GLU A 273 0.89 -14.55 28.69
N HIS A 274 0.13 -13.82 27.88
CA HIS A 274 0.68 -12.65 27.23
C HIS A 274 1.17 -11.64 28.26
N HIS A 275 0.42 -11.47 29.34
CA HIS A 275 0.78 -10.52 30.38
C HIS A 275 2.08 -10.91 31.08
N HIS A 276 2.25 -12.21 31.34
CA HIS A 276 3.42 -12.64 32.12
C HIS A 276 4.71 -12.55 31.31
N HIS A 277 4.68 -12.97 30.04
CA HIS A 277 5.89 -13.27 29.32
C HIS A 277 6.05 -12.53 28.00
N HIS A 278 4.99 -11.97 27.45
CA HIS A 278 5.03 -11.43 26.10
C HIS A 278 4.43 -10.03 26.01
N GLU B 4 22.33 18.53 -5.91
CA GLU B 4 21.61 17.83 -6.97
C GLU B 4 20.36 17.15 -6.45
N PHE B 5 20.43 16.62 -5.23
CA PHE B 5 19.29 15.97 -4.60
C PHE B 5 18.89 16.75 -3.36
N ASP B 6 17.59 16.97 -3.21
CA ASP B 6 17.08 17.55 -1.96
C ASP B 6 17.21 16.56 -0.82
N ILE B 7 16.96 15.28 -1.08
CA ILE B 7 16.83 14.26 -0.05
C ILE B 7 17.66 13.05 -0.47
N THR B 8 18.33 12.42 0.48
CA THR B 8 18.77 11.03 0.36
C THR B 8 18.02 10.18 1.38
N VAL B 9 17.46 9.07 0.94
CA VAL B 9 16.85 8.09 1.84
C VAL B 9 17.74 6.86 1.86
N VAL B 10 18.24 6.52 3.06
CA VAL B 10 19.04 5.33 3.30
C VAL B 10 18.11 4.24 3.80
N ILE B 11 18.14 3.08 3.13
CA ILE B 11 17.29 1.96 3.47
C ILE B 11 18.17 0.77 3.81
N PRO B 12 18.40 0.49 5.09
CA PRO B 12 19.19 -0.69 5.48
C PRO B 12 18.31 -1.94 5.37
N THR B 13 18.83 -2.98 4.74
CA THR B 13 18.05 -4.19 4.51
C THR B 13 18.84 -5.45 4.84
N PHE B 14 18.15 -6.44 5.40
CA PHE B 14 18.64 -7.81 5.40
C PHE B 14 17.43 -8.73 5.41
N LYS B 15 17.30 -9.58 4.40
CA LYS B 15 16.16 -10.49 4.27
C LYS B 15 14.84 -9.71 4.27
N ALA B 16 14.76 -8.70 3.41
CA ALA B 16 13.65 -7.77 3.39
C ALA B 16 12.67 -8.02 2.25
N GLU B 17 12.68 -9.21 1.65
CA GLU B 17 11.92 -9.44 0.43
C GLU B 17 10.43 -9.20 0.64
N LYS B 18 9.92 -9.37 1.86
CA LYS B 18 8.47 -9.29 2.06
C LYS B 18 7.97 -7.86 1.87
N THR B 19 8.74 -6.86 2.29
CA THR B 19 8.24 -5.51 2.42
C THR B 19 9.04 -4.45 1.67
N VAL B 20 10.18 -4.77 1.07
CA VAL B 20 11.05 -3.72 0.54
C VAL B 20 10.38 -3.02 -0.64
N GLY B 21 9.52 -3.73 -1.38
CA GLY B 21 8.82 -3.09 -2.48
C GLY B 21 7.92 -1.95 -2.01
N GLN B 22 7.12 -2.22 -0.97
CA GLN B 22 6.24 -1.19 -0.42
C GLN B 22 7.06 -0.03 0.13
N CYS B 23 8.19 -0.34 0.76
CA CYS B 23 9.08 0.69 1.28
C CYS B 23 9.53 1.64 0.17
N LEU B 24 10.07 1.08 -0.91
CA LEU B 24 10.54 1.91 -2.02
C LEU B 24 9.40 2.69 -2.66
N GLU B 25 8.23 2.05 -2.82
CA GLU B 25 7.11 2.75 -3.42
C GLU B 25 6.75 4.00 -2.62
N SER B 26 6.89 3.94 -1.29
CA SER B 26 6.54 5.10 -0.47
C SER B 26 7.54 6.25 -0.62
N VAL B 27 8.75 5.97 -1.09
CA VAL B 27 9.73 7.02 -1.35
C VAL B 27 9.58 7.57 -2.76
N LEU B 28 9.45 6.69 -3.74
CA LEU B 28 9.44 7.09 -5.13
C LEU B 28 8.22 7.93 -5.50
N SER B 29 7.13 7.80 -4.74
CA SER B 29 5.93 8.58 -5.00
C SER B 29 5.95 9.96 -4.38
N GLN B 30 6.99 10.30 -3.62
CA GLN B 30 7.03 11.60 -2.96
C GLN B 30 7.14 12.72 -3.99
N GLN B 31 6.27 13.73 -3.85
CA GLN B 31 6.25 14.84 -4.77
C GLN B 31 7.04 16.02 -4.22
N GLY B 32 7.43 16.92 -5.13
CA GLY B 32 8.04 18.18 -4.77
C GLY B 32 9.51 18.15 -4.47
N VAL B 33 10.20 17.02 -4.71
CA VAL B 33 11.59 16.86 -4.32
C VAL B 33 12.35 16.03 -5.36
N SER B 34 13.66 16.24 -5.37
CA SER B 34 14.60 15.36 -6.07
C SER B 34 15.23 14.46 -5.03
N THR B 35 15.12 13.14 -5.21
CA THR B 35 15.48 12.18 -4.18
C THR B 35 16.46 11.13 -4.69
N GLU B 36 17.48 10.87 -3.90
CA GLU B 36 18.39 9.74 -4.07
C GLU B 36 18.03 8.67 -3.05
N ILE B 37 18.13 7.41 -3.47
CA ILE B 37 17.90 6.27 -2.59
C ILE B 37 19.18 5.45 -2.55
N ILE B 38 19.62 5.07 -1.35
CA ILE B 38 20.75 4.18 -1.17
C ILE B 38 20.25 2.99 -0.35
N VAL B 39 20.16 1.83 -0.98
CA VAL B 39 19.82 0.60 -0.28
C VAL B 39 21.13 -0.03 0.17
N VAL B 40 21.25 -0.28 1.47
CA VAL B 40 22.45 -0.87 2.05
C VAL B 40 22.04 -2.24 2.58
N ASP B 41 22.32 -3.26 1.79
CA ASP B 41 21.88 -4.62 2.07
C ASP B 41 23.05 -5.42 2.62
N GLY B 42 22.75 -6.27 3.60
CA GLY B 42 23.78 -7.02 4.29
C GLY B 42 24.20 -8.34 3.69
N GLY B 43 23.95 -8.53 2.40
CA GLY B 43 24.27 -9.79 1.75
C GLY B 43 23.14 -10.77 1.83
N SER B 44 21.92 -10.29 1.58
CA SER B 44 20.75 -11.13 1.71
C SER B 44 20.80 -12.29 0.72
N PRO B 45 20.45 -13.50 1.15
CA PRO B 45 20.32 -14.62 0.21
C PRO B 45 18.96 -14.70 -0.47
N ASP B 46 18.00 -13.86 -0.08
CA ASP B 46 16.63 -13.94 -0.59
C ASP B 46 16.48 -13.04 -1.80
N ALA B 47 15.24 -12.67 -2.13
CA ALA B 47 14.96 -11.90 -3.34
C ALA B 47 15.05 -10.39 -3.15
N THR B 48 15.61 -9.91 -2.03
CA THR B 48 15.63 -8.47 -1.76
C THR B 48 16.21 -7.69 -2.94
N ILE B 49 17.41 -8.07 -3.38
CA ILE B 49 18.09 -7.32 -4.44
C ILE B 49 17.27 -7.35 -5.72
N SER B 50 16.75 -8.53 -6.09
CA SER B 50 15.96 -8.65 -7.30
C SER B 50 14.77 -7.69 -7.28
N ILE B 51 14.13 -7.54 -6.12
CA ILE B 51 12.98 -6.65 -6.03
C ILE B 51 13.41 -5.20 -6.15
N VAL B 52 14.52 -4.83 -5.50
CA VAL B 52 14.99 -3.46 -5.59
C VAL B 52 15.27 -3.10 -7.05
N GLN B 53 15.85 -4.02 -7.80
CA GLN B 53 16.19 -3.75 -9.20
C GLN B 53 14.98 -3.74 -10.12
N SER B 54 13.81 -4.17 -9.66
CA SER B 54 12.61 -4.06 -10.49
C SER B 54 12.19 -2.60 -10.67
N PHE B 55 12.68 -1.70 -9.84
CA PHE B 55 12.33 -0.29 -9.90
C PHE B 55 13.29 0.46 -10.82
N SER B 56 12.88 1.66 -11.19
CA SER B 56 13.77 2.56 -11.91
C SER B 56 15.08 2.68 -11.16
N SER B 57 16.20 2.53 -11.87
CA SER B 57 17.51 2.59 -11.26
C SER B 57 18.14 3.99 -11.30
N THR B 58 17.45 4.97 -11.87
CA THR B 58 18.11 6.23 -12.19
C THR B 58 18.84 6.83 -10.99
N ASN B 59 18.12 7.07 -9.90
CA ASN B 59 18.68 7.72 -8.72
C ASN B 59 18.77 6.76 -7.54
N LEU B 60 19.16 5.51 -7.80
CA LEU B 60 19.15 4.47 -6.79
C LEU B 60 20.47 3.71 -6.83
N THR B 61 21.11 3.62 -5.67
CA THR B 61 22.35 2.89 -5.47
C THR B 61 22.08 1.70 -4.55
N ILE B 62 22.64 0.55 -4.90
CA ILE B 62 22.53 -0.65 -4.08
C ILE B 62 23.93 -1.04 -3.63
N ILE B 63 24.11 -1.15 -2.32
CA ILE B 63 25.27 -1.76 -1.70
C ILE B 63 24.80 -3.10 -1.16
N SER B 64 25.57 -4.15 -1.41
CA SER B 64 25.20 -5.47 -0.89
C SER B 64 26.47 -6.20 -0.46
N GLU B 65 26.67 -6.30 0.84
CA GLU B 65 27.85 -6.94 1.40
C GLU B 65 27.63 -7.11 2.89
N PRO B 66 28.35 -8.04 3.53
CA PRO B 66 28.18 -8.20 4.97
C PRO B 66 28.53 -6.94 5.74
N ASP B 67 27.85 -6.76 6.87
CA ASP B 67 28.12 -5.61 7.73
C ASP B 67 28.01 -6.06 9.19
N ARG B 68 28.27 -5.12 10.10
CA ARG B 68 28.30 -5.38 11.52
C ARG B 68 27.01 -5.00 12.22
N GLY B 69 25.89 -5.04 11.51
CA GLY B 69 24.60 -4.69 12.08
C GLY B 69 23.98 -3.48 11.40
N ILE B 70 22.75 -3.21 11.81
CA ILE B 70 21.95 -2.21 11.10
C ILE B 70 22.60 -0.82 11.16
N TYR B 71 23.24 -0.48 12.28
CA TYR B 71 23.84 0.85 12.37
C TYR B 71 25.10 0.97 11.51
N ASP B 72 25.81 -0.15 11.30
CA ASP B 72 26.91 -0.14 10.34
C ASP B 72 26.37 0.10 8.94
N ALA B 73 25.27 -0.56 8.59
CA ALA B 73 24.64 -0.33 7.29
C ALA B 73 24.21 1.12 7.16
N ILE B 74 23.56 1.67 8.19
CA ILE B 74 23.13 3.07 8.15
C ILE B 74 24.35 3.98 7.96
N ASN B 75 25.44 3.72 8.68
CA ASN B 75 26.62 4.56 8.54
C ASN B 75 27.14 4.54 7.11
N LYS B 76 27.11 3.35 6.48
CA LYS B 76 27.59 3.25 5.10
C LYS B 76 26.75 4.11 4.17
N GLY B 77 25.44 4.11 4.35
CA GLY B 77 24.58 4.92 3.50
C GLY B 77 24.71 6.41 3.76
N VAL B 78 24.72 6.79 5.04
CA VAL B 78 24.85 8.21 5.39
C VAL B 78 26.14 8.77 4.82
N SER B 79 27.23 8.00 4.90
CA SER B 79 28.53 8.48 4.46
C SER B 79 28.66 8.55 2.95
N ARG B 80 27.70 8.00 2.21
CA ARG B 80 27.68 8.13 0.76
C ARG B 80 26.59 9.04 0.25
N ALA B 81 25.73 9.55 1.13
CA ALA B 81 24.60 10.36 0.70
C ALA B 81 25.07 11.67 0.07
N GLN B 82 24.38 12.07 -0.99
CA GLN B 82 24.62 13.33 -1.65
C GLN B 82 23.49 14.34 -1.47
N GLY B 83 22.38 13.95 -0.84
CA GLY B 83 21.27 14.86 -0.66
C GLY B 83 21.50 15.86 0.45
N GLY B 84 20.73 16.96 0.39
CA GLY B 84 20.86 17.99 1.40
C GLY B 84 20.36 17.58 2.76
N MET B 85 19.32 16.73 2.81
CA MET B 85 18.79 16.17 4.04
C MET B 85 18.74 14.65 3.88
N ILE B 86 19.07 13.94 4.96
CA ILE B 86 19.27 12.50 4.93
C ILE B 86 18.28 11.85 5.87
N GLY B 87 17.48 10.92 5.34
CA GLY B 87 16.57 10.15 6.15
C GLY B 87 16.95 8.68 6.15
N VAL B 88 16.49 7.95 7.15
CA VAL B 88 16.72 6.51 7.28
C VAL B 88 15.36 5.84 7.38
N LEU B 89 15.05 4.96 6.43
CA LEU B 89 13.77 4.27 6.41
C LEU B 89 14.03 2.77 6.45
N GLY B 90 13.47 2.10 7.47
CA GLY B 90 13.60 0.66 7.55
C GLY B 90 12.77 -0.03 6.48
N ALA B 91 13.19 -1.24 6.11
CA ALA B 91 12.58 -1.90 4.97
C ALA B 91 11.14 -2.32 5.21
N ASP B 92 10.69 -2.36 6.46
CA ASP B 92 9.30 -2.63 6.79
C ASP B 92 8.56 -1.37 7.25
N ASP B 93 9.13 -0.19 7.03
CA ASP B 93 8.47 1.08 7.27
C ASP B 93 7.99 1.67 5.94
N VAL B 94 7.10 2.66 6.02
CA VAL B 94 6.73 3.46 4.86
C VAL B 94 6.67 4.93 5.27
N TYR B 95 7.07 5.81 4.35
CA TYR B 95 6.78 7.23 4.51
C TYR B 95 5.34 7.51 4.06
N LYS B 96 4.73 8.53 4.68
CA LYS B 96 3.43 9.01 4.23
C LYS B 96 3.60 10.05 3.13
N PRO B 97 2.54 10.33 2.38
CA PRO B 97 2.65 11.33 1.30
C PRO B 97 3.04 12.71 1.81
N ASN B 98 3.74 13.45 0.95
CA ASN B 98 4.08 14.85 1.18
C ASN B 98 5.03 15.06 2.35
N VAL B 99 5.80 14.04 2.73
CA VAL B 99 6.74 14.19 3.84
C VAL B 99 8.03 14.84 3.35
N LEU B 100 8.57 14.36 2.24
CA LEU B 100 9.85 14.89 1.76
C LEU B 100 9.74 16.37 1.40
N SER B 101 8.58 16.82 0.89
CA SER B 101 8.45 18.24 0.58
C SER B 101 8.50 19.10 1.84
N VAL B 102 7.95 18.59 2.95
CA VAL B 102 8.07 19.30 4.23
C VAL B 102 9.53 19.38 4.66
N VAL B 103 10.26 18.28 4.52
CA VAL B 103 11.68 18.29 4.88
C VAL B 103 12.42 19.34 4.06
N LYS B 104 12.16 19.37 2.75
CA LYS B 104 12.79 20.38 1.90
C LYS B 104 12.46 21.79 2.37
N GLU B 105 11.21 22.04 2.75
CA GLU B 105 10.84 23.37 3.23
C GLU B 105 11.70 23.77 4.41
N ASN B 106 11.88 22.85 5.37
CA ASN B 106 12.69 23.15 6.55
C ASN B 106 14.15 23.38 6.19
N ALA B 107 14.70 22.55 5.29
CA ALA B 107 16.09 22.74 4.89
C ALA B 107 16.29 24.11 4.24
N SER B 108 15.28 24.61 3.52
CA SER B 108 15.40 25.90 2.87
C SER B 108 15.56 27.04 3.87
N ARG B 109 15.09 26.87 5.11
CA ARG B 109 15.24 27.89 6.13
C ARG B 109 16.38 27.59 7.10
N GLY B 110 17.25 26.65 6.76
CA GLY B 110 18.44 26.39 7.55
C GLY B 110 18.28 25.45 8.70
N VAL B 111 17.14 24.77 8.83
CA VAL B 111 16.95 23.82 9.91
C VAL B 111 17.83 22.60 9.66
N GLU B 112 18.55 22.16 10.69
CA GLU B 112 19.52 21.09 10.53
C GLU B 112 18.94 19.70 10.78
N ILE B 113 17.97 19.59 11.68
CA ILE B 113 17.27 18.34 11.96
C ILE B 113 15.79 18.62 11.96
N VAL B 114 15.04 17.83 11.19
CA VAL B 114 13.59 17.92 11.13
C VAL B 114 13.03 16.56 11.48
N ALA B 115 12.03 16.51 12.36
CA ALA B 115 11.43 15.26 12.74
C ALA B 115 9.92 15.37 12.73
N GLY B 116 9.27 14.26 12.42
CA GLY B 116 7.82 14.20 12.43
C GLY B 116 7.31 13.15 13.40
N LEU B 117 6.01 12.91 13.36
CA LEU B 117 5.36 11.91 14.18
C LEU B 117 5.50 10.52 13.55
N THR B 118 5.28 9.50 14.37
CA THR B 118 5.42 8.11 13.97
C THR B 118 4.17 7.35 14.39
N LEU B 119 3.60 6.57 13.46
CA LEU B 119 2.47 5.71 13.76
C LEU B 119 2.97 4.28 13.96
N ILE B 120 2.62 3.69 15.09
CA ILE B 120 3.08 2.36 15.48
C ILE B 120 1.86 1.53 15.85
N ASP B 121 1.55 0.51 15.06
CA ASP B 121 0.40 -0.34 15.32
C ASP B 121 -0.87 0.49 15.53
N GLY B 122 -1.03 1.53 14.70
CA GLY B 122 -2.23 2.33 14.72
C GLY B 122 -2.30 3.40 15.78
N GLN B 123 -1.23 3.62 16.54
CA GLN B 123 -1.22 4.66 17.55
C GLN B 123 0.02 5.52 17.41
N LEU B 124 -0.10 6.80 17.75
CA LEU B 124 1.06 7.68 17.67
C LEU B 124 2.08 7.29 18.74
N ARG B 125 3.35 7.27 18.33
CA ARG B 125 4.45 7.12 19.28
C ARG B 125 4.39 8.25 20.30
N ALA B 126 4.68 7.92 21.56
CA ALA B 126 4.61 8.89 22.65
C ALA B 126 5.90 9.69 22.68
N ASP B 127 5.99 10.69 21.81
CA ASP B 127 7.21 11.46 21.65
C ASP B 127 7.42 12.42 22.82
N GLU B 128 8.70 12.69 23.10
CA GLU B 128 9.16 13.74 24.00
C GLU B 128 9.83 14.83 23.17
N GLN B 129 10.22 15.91 23.83
CA GLN B 129 10.79 17.04 23.13
C GLN B 129 12.31 16.91 23.00
N TYR B 130 12.84 17.44 21.90
CA TYR B 130 14.27 17.59 21.72
C TYR B 130 14.73 18.77 22.57
N ARG B 131 15.41 18.47 23.67
CA ARG B 131 15.83 19.44 24.67
C ARG B 131 16.63 18.67 25.71
N PRO B 132 17.28 19.36 26.66
CA PRO B 132 18.09 18.64 27.65
C PRO B 132 17.34 17.54 28.41
N ALA B 133 16.04 17.70 28.66
CA ALA B 133 15.29 16.65 29.34
C ALA B 133 15.36 15.31 28.62
N ALA B 134 15.60 15.30 27.31
CA ALA B 134 15.74 14.03 26.60
C ALA B 134 17.00 13.27 26.99
N LEU B 135 17.99 13.96 27.57
CA LEU B 135 19.25 13.32 27.94
C LEU B 135 19.14 12.40 29.14
N ILE B 136 18.03 12.44 29.87
CA ILE B 136 17.76 11.45 30.92
C ILE B 136 16.72 10.43 30.46
N SER B 137 16.50 10.34 29.15
CA SER B 137 15.51 9.43 28.60
C SER B 137 16.09 8.75 27.36
N GLY B 138 15.25 8.31 26.45
CA GLY B 138 15.67 7.74 25.20
C GLY B 138 15.57 8.74 24.06
N ILE B 139 15.38 8.21 22.86
CA ILE B 139 15.28 9.12 21.70
C ILE B 139 13.92 9.81 21.73
N PRO B 140 13.86 11.14 21.54
CA PRO B 140 12.59 11.85 21.76
C PRO B 140 11.54 11.65 20.68
N PHE B 141 11.95 11.28 19.47
CA PHE B 141 11.04 11.00 18.37
C PHE B 141 11.52 9.71 17.72
N GLY B 142 10.71 9.14 16.84
CA GLY B 142 11.12 7.95 16.13
C GLY B 142 12.25 8.24 15.17
N HIS B 143 13.26 7.37 15.17
CA HIS B 143 14.44 7.64 14.36
C HIS B 143 14.10 7.70 12.87
N ASN B 144 13.18 6.85 12.42
CA ASN B 144 12.84 6.84 11.00
C ASN B 144 12.00 8.04 10.61
N ALA B 145 11.53 8.82 11.56
CA ALA B 145 10.84 10.07 11.28
C ALA B 145 11.76 11.27 11.30
N MET B 146 13.07 11.05 11.45
CA MET B 146 14.06 12.10 11.53
C MET B 146 14.79 12.25 10.21
N PHE B 147 15.05 13.50 9.82
CA PHE B 147 15.91 13.85 8.71
C PHE B 147 16.95 14.82 9.23
N ALA B 148 18.21 14.63 8.84
CA ALA B 148 19.30 15.47 9.31
C ALA B 148 20.16 15.89 8.14
N SER B 149 20.70 17.10 8.22
CA SER B 149 21.44 17.65 7.09
C SER B 149 22.84 17.03 7.02
N GLN B 150 23.48 17.24 5.87
CA GLN B 150 24.89 16.88 5.72
C GLN B 150 25.72 17.53 6.82
N GLU B 151 25.46 18.81 7.10
CA GLU B 151 26.23 19.52 8.11
C GLU B 151 26.00 18.93 9.49
N ALA B 152 24.78 18.52 9.81
CA ALA B 152 24.51 17.89 11.09
C ALA B 152 25.32 16.61 11.25
N TYR B 153 25.35 15.78 10.21
CA TYR B 153 26.15 14.57 10.29
C TYR B 153 27.63 14.86 10.38
N ARG B 154 28.11 15.91 9.69
CA ARG B 154 29.52 16.26 9.78
C ARG B 154 29.87 16.70 11.20
N LYS B 155 28.98 17.44 11.85
CA LYS B 155 29.28 17.96 13.18
C LYS B 155 29.16 16.88 14.24
N VAL B 156 28.08 16.09 14.20
CA VAL B 156 27.82 15.10 15.24
C VAL B 156 28.66 13.85 15.04
N GLY B 157 28.79 13.41 13.80
CA GLY B 157 29.47 12.17 13.50
C GLY B 157 28.49 11.07 13.14
N LEU B 158 28.98 9.84 13.20
CA LEU B 158 28.21 8.68 12.78
C LEU B 158 27.67 7.93 13.99
N TYR B 159 26.86 6.91 13.70
CA TYR B 159 26.24 6.10 14.75
C TYR B 159 27.30 5.22 15.42
N ASP B 160 27.20 5.12 16.74
CA ASP B 160 28.19 4.41 17.56
C ASP B 160 27.82 2.93 17.58
N LEU B 161 28.66 2.09 16.95
CA LEU B 161 28.36 0.67 16.81
C LEU B 161 28.39 -0.08 18.13
N ALA B 162 28.90 0.51 19.22
CA ALA B 162 28.83 -0.16 20.51
C ALA B 162 27.39 -0.32 20.99
N TYR B 163 26.47 0.52 20.50
CA TYR B 163 25.05 0.47 20.88
C TYR B 163 24.32 -0.26 19.76
N ARG B 164 24.05 -1.55 19.99
CA ARG B 164 23.39 -2.37 18.99
C ARG B 164 21.92 -2.02 18.83
N ILE B 165 21.32 -1.41 19.84
CA ILE B 165 19.90 -1.07 19.85
C ILE B 165 19.69 0.44 19.83
N CYS B 166 20.34 1.14 20.76
CA CYS B 166 20.04 2.53 21.06
C CYS B 166 21.05 3.51 20.47
N ALA B 167 21.76 3.13 19.42
CA ALA B 167 22.65 4.08 18.77
C ALA B 167 21.88 5.29 18.22
N ASP B 168 20.60 5.10 17.88
CA ASP B 168 19.79 6.23 17.42
C ASP B 168 19.65 7.27 18.51
N ALA B 169 19.29 6.83 19.73
CA ALA B 169 19.19 7.75 20.86
C ALA B 169 20.53 8.41 21.15
N GLU B 170 21.61 7.63 21.15
CA GLU B 170 22.92 8.18 21.49
C GLU B 170 23.33 9.28 20.51
N TRP B 171 22.98 9.11 19.23
CA TRP B 171 23.28 10.12 18.21
C TRP B 171 22.47 11.39 18.47
N VAL B 172 21.17 11.25 18.70
CA VAL B 172 20.33 12.41 18.94
C VAL B 172 20.78 13.14 20.21
N HIS B 173 21.20 12.38 21.24
CA HIS B 173 21.69 13.04 22.45
C HIS B 173 22.96 13.83 22.16
N ARG B 174 23.83 13.29 21.31
CA ARG B 174 25.01 14.05 20.87
C ARG B 174 24.60 15.31 20.13
N ALA B 175 23.55 15.24 19.32
CA ALA B 175 23.08 16.43 18.61
C ALA B 175 22.56 17.48 19.59
N ILE B 176 21.81 17.06 20.60
CA ILE B 176 21.33 18.00 21.62
C ILE B 176 22.52 18.65 22.32
N LYS B 177 23.50 17.84 22.72
CA LYS B 177 24.66 18.38 23.43
C LYS B 177 25.51 19.27 22.53
N SER B 178 25.44 19.09 21.21
CA SER B 178 26.13 19.95 20.26
C SER B 178 25.32 21.18 19.88
N ASP B 179 24.15 21.36 20.49
CA ASP B 179 23.28 22.50 20.19
C ASP B 179 22.91 22.55 18.71
N ILE B 180 22.64 21.39 18.13
CA ILE B 180 22.12 21.31 16.77
C ILE B 180 20.65 21.69 16.80
N SER B 181 20.23 22.52 15.84
CA SER B 181 18.86 23.01 15.81
C SER B 181 17.92 21.93 15.28
N CYS B 182 16.79 21.75 15.96
CA CYS B 182 15.79 20.77 15.55
C CYS B 182 14.42 21.43 15.52
N ARG B 183 13.63 21.05 14.53
CA ARG B 183 12.24 21.48 14.43
C ARG B 183 11.35 20.24 14.33
N LYS B 184 10.29 20.22 15.11
CA LYS B 184 9.35 19.09 15.13
C LYS B 184 8.11 19.50 14.35
N VAL B 185 7.66 18.61 13.46
CA VAL B 185 6.50 18.83 12.61
C VAL B 185 5.39 17.90 13.07
N GLU B 186 4.21 18.45 13.29
CA GLU B 186 3.08 17.68 13.84
C GLU B 186 2.29 16.99 12.73
N GLN B 187 3.01 16.19 11.95
CA GLN B 187 2.44 15.36 10.91
C GLN B 187 3.09 13.99 10.97
N VAL B 188 2.32 12.95 10.65
CA VAL B 188 2.88 11.61 10.63
C VAL B 188 3.81 11.48 9.44
N PHE B 189 5.09 11.20 9.71
CA PHE B 189 6.05 10.99 8.64
C PHE B 189 6.18 9.52 8.26
N VAL B 190 6.06 8.62 9.25
CA VAL B 190 6.38 7.21 9.06
C VAL B 190 5.33 6.35 9.73
N GLU B 191 4.99 5.24 9.08
CA GLU B 191 4.23 4.15 9.68
C GLU B 191 5.26 3.04 9.90
N PHE B 192 5.58 2.77 11.16
CA PHE B 192 6.74 1.98 11.57
C PHE B 192 6.33 0.52 11.71
N GLY B 193 7.05 -0.36 11.02
CA GLY B 193 6.69 -1.77 11.01
C GLY B 193 7.10 -2.47 12.29
N THR B 194 6.28 -3.43 12.72
CA THR B 194 6.52 -4.16 13.95
C THR B 194 6.45 -5.66 13.73
N ASN B 201 15.34 -8.62 23.80
CA ASN B 201 15.30 -8.84 25.24
C ASN B 201 15.08 -7.55 26.00
N PRO B 202 13.92 -7.41 26.64
CA PRO B 202 13.62 -6.17 27.38
C PRO B 202 14.76 -5.71 28.28
N GLU B 203 15.52 -6.64 28.87
CA GLU B 203 16.61 -6.26 29.75
C GLU B 203 17.79 -5.70 28.96
N GLU B 204 18.06 -6.21 27.76
CA GLU B 204 19.14 -5.66 26.96
C GLU B 204 18.84 -4.24 26.51
N ILE B 205 17.57 -3.93 26.23
CA ILE B 205 17.21 -2.57 25.85
C ILE B 205 17.42 -1.61 27.01
N ILE B 206 16.96 -2.01 28.21
CA ILE B 206 17.12 -1.15 29.38
C ILE B 206 18.59 -0.90 29.69
N ALA B 207 19.42 -1.95 29.56
CA ALA B 207 20.84 -1.81 29.86
C ALA B 207 21.50 -0.80 28.93
N GLU B 208 21.21 -0.90 27.62
CA GLU B 208 21.78 0.06 26.69
C GLU B 208 21.25 1.47 26.97
N ALA B 209 19.97 1.59 27.27
CA ALA B 209 19.37 2.90 27.53
C ALA B 209 20.02 3.58 28.72
N CYS B 210 20.29 2.81 29.79
CA CYS B 210 20.97 3.37 30.95
C CYS B 210 22.40 3.78 30.60
N SER B 211 23.09 2.96 29.80
CA SER B 211 24.44 3.33 29.36
C SER B 211 24.44 4.61 28.56
N VAL B 212 23.46 4.79 27.69
CA VAL B 212 23.37 6.03 26.91
C VAL B 212 23.21 7.21 27.83
N ILE B 213 22.35 7.09 28.85
CA ILE B 213 22.17 8.19 29.79
C ILE B 213 23.46 8.48 30.54
N GLN B 214 24.19 7.43 30.92
CA GLN B 214 25.45 7.64 31.64
C GLN B 214 26.51 8.29 30.76
N ARG B 215 26.41 8.12 29.45
CA ARG B 215 27.32 8.80 28.55
C ARG B 215 27.08 10.31 28.55
N ASN B 216 25.85 10.73 28.85
CA ASN B 216 25.60 12.15 29.02
C ASN B 216 26.04 12.61 30.40
N PHE B 217 25.80 11.79 31.43
CA PHE B 217 25.97 12.18 32.84
C PHE B 217 26.76 11.08 33.53
N PRO B 218 28.08 11.09 33.38
CA PRO B 218 28.89 9.93 33.84
C PRO B 218 28.95 9.76 35.34
N PHE B 219 28.49 10.73 36.12
CA PHE B 219 28.44 10.59 37.57
C PHE B 219 27.31 9.68 38.03
N LEU B 220 26.36 9.33 37.17
CA LEU B 220 25.23 8.53 37.59
C LEU B 220 25.59 7.06 37.70
N LEU B 221 25.10 6.41 38.75
CA LEU B 221 25.13 4.97 38.80
C LEU B 221 24.06 4.41 37.86
N LYS B 222 24.24 3.15 37.45
CA LYS B 222 23.29 2.55 36.51
C LYS B 222 21.88 2.55 37.10
N GLU B 223 21.75 2.26 38.40
CA GLU B 223 20.43 2.24 39.02
C GLU B 223 19.78 3.63 39.01
N GLU B 224 20.59 4.68 39.13
CA GLU B 224 20.04 6.04 39.10
C GLU B 224 19.61 6.44 37.70
N ALA B 225 20.38 6.06 36.68
CA ALA B 225 19.95 6.31 35.30
C ALA B 225 18.64 5.61 35.02
N LYS B 226 18.48 4.38 35.50
CA LYS B 226 17.23 3.66 35.28
C LYS B 226 16.08 4.37 35.97
N TYR B 227 16.31 4.87 37.18
CA TYR B 227 15.25 5.55 37.92
C TYR B 227 14.78 6.79 37.19
N LEU B 228 15.71 7.56 36.61
CA LEU B 228 15.33 8.76 35.88
C LEU B 228 14.58 8.43 34.60
N LEU B 229 15.06 7.41 33.87
CA LEU B 229 14.38 6.99 32.64
C LEU B 229 12.95 6.56 32.94
N TYR B 230 12.78 5.69 33.94
CA TYR B 230 11.44 5.24 34.30
C TYR B 230 10.58 6.42 34.74
N GLY B 231 11.18 7.38 35.43
CA GLY B 231 10.42 8.52 35.91
C GLY B 231 9.89 9.40 34.79
N VAL B 232 10.76 9.78 33.86
CA VAL B 232 10.33 10.65 32.76
C VAL B 232 9.27 9.95 31.90
N ARG B 233 9.45 8.65 31.67
CA ARG B 233 8.56 7.90 30.80
C ARG B 233 7.25 7.50 31.49
N GLY B 234 7.14 7.70 32.80
CA GLY B 234 5.94 7.29 33.49
C GLY B 234 5.86 5.83 33.82
N TRP B 235 7.01 5.15 33.86
CA TRP B 235 7.07 3.73 34.21
C TRP B 235 7.44 3.50 35.67
N GLY B 236 7.72 4.55 36.44
CA GLY B 236 8.12 4.39 37.83
C GLY B 236 7.87 5.66 38.60
N GLU B 237 7.98 5.54 39.92
CA GLU B 237 7.75 6.67 40.82
C GLU B 237 8.86 7.70 40.68
N THR B 238 8.66 8.86 41.34
CA THR B 238 9.56 9.98 41.17
C THR B 238 9.93 10.65 42.49
N SER B 239 9.77 9.96 43.62
CA SER B 239 9.97 10.61 44.91
C SER B 239 11.44 10.88 45.20
N ARG B 240 12.36 10.15 44.58
CA ARG B 240 13.78 10.32 44.82
C ARG B 240 14.41 11.40 43.95
N ILE B 241 13.64 12.06 43.08
CA ILE B 241 14.22 13.03 42.16
C ILE B 241 14.89 14.16 42.93
N GLU B 242 14.24 14.67 43.97
CA GLU B 242 14.86 15.74 44.76
C GLU B 242 16.17 15.29 45.36
N GLN B 243 16.23 14.04 45.84
CA GLN B 243 17.46 13.53 46.44
C GLN B 243 18.56 13.37 45.40
N ILE B 244 18.20 12.90 44.20
CA ILE B 244 19.18 12.78 43.12
C ILE B 244 19.68 14.16 42.71
N LEU B 245 18.77 15.14 42.66
CA LEU B 245 19.17 16.50 42.31
C LEU B 245 20.13 17.09 43.34
N ARG B 246 19.85 16.86 44.63
CA ARG B 246 20.75 17.38 45.65
C ARG B 246 22.06 16.63 45.68
N LYS B 247 22.05 15.34 45.29
CA LYS B 247 23.28 14.56 45.28
C LYS B 247 24.21 14.99 44.15
N TYR B 248 23.65 15.30 42.97
CA TYR B 248 24.47 15.55 41.79
C TYR B 248 24.34 16.94 41.18
N GLY B 249 23.41 17.77 41.65
CA GLY B 249 23.24 19.09 41.06
C GLY B 249 24.55 19.82 40.86
N HIS B 250 25.44 19.74 41.84
CA HIS B 250 26.71 20.47 41.76
C HIS B 250 27.54 20.06 40.56
N GLU B 251 27.28 18.89 39.97
CA GLU B 251 28.15 18.38 38.93
C GLU B 251 27.95 19.06 37.58
N SER B 252 26.75 19.56 37.30
CA SER B 252 26.44 19.95 35.92
C SER B 252 25.16 20.76 35.82
N VAL B 253 25.26 21.96 35.24
CA VAL B 253 24.08 22.77 34.98
C VAL B 253 23.16 22.06 34.00
N LEU B 254 23.73 21.40 32.99
CA LEU B 254 22.92 20.68 32.01
C LEU B 254 22.04 19.64 32.69
N PHE B 255 22.58 18.97 33.70
CA PHE B 255 21.81 17.96 34.44
C PHE B 255 20.67 18.63 35.22
N VAL B 256 20.96 19.73 35.92
CA VAL B 256 19.90 20.44 36.63
C VAL B 256 18.81 20.88 35.66
N THR B 257 19.21 21.43 34.51
CA THR B 257 18.24 21.84 33.50
C THR B 257 17.42 20.66 33.01
N ALA B 258 18.09 19.52 32.77
CA ALA B 258 17.35 18.34 32.30
C ALA B 258 16.30 17.94 33.31
N LEU B 259 16.66 17.93 34.60
CA LEU B 259 15.70 17.51 35.62
C LEU B 259 14.60 18.54 35.80
N GLN B 260 14.92 19.83 35.68
CA GLN B 260 13.89 20.85 35.87
C GLN B 260 12.90 20.83 34.71
N GLU B 261 13.37 20.55 33.50
CA GLU B 261 12.46 20.43 32.36
C GLU B 261 11.65 19.15 32.46
N ALA B 262 12.29 18.04 32.84
CA ALA B 262 11.62 16.75 32.87
C ALA B 262 10.62 16.66 34.02
N PHE B 263 10.91 17.29 35.16
CA PHE B 263 10.07 17.19 36.35
C PHE B 263 9.78 18.59 36.86
N PRO B 264 8.86 19.32 36.22
CA PRO B 264 8.58 20.70 36.65
C PRO B 264 8.10 20.82 38.09
N ALA B 265 7.70 19.72 38.73
CA ALA B 265 7.25 19.79 40.11
C ALA B 265 8.43 20.00 41.06
N VAL B 266 9.55 19.32 40.80
CA VAL B 266 10.68 19.37 41.73
C VAL B 266 11.16 20.80 41.87
N GLU B 267 11.51 21.19 43.10
CA GLU B 267 12.04 22.52 43.36
C GLU B 267 13.52 22.53 43.00
N THR B 268 13.86 23.27 41.95
CA THR B 268 15.21 23.30 41.42
C THR B 268 15.84 24.69 41.50
N ALA B 269 15.10 25.70 41.97
CA ALA B 269 15.61 27.06 41.99
C ALA B 269 16.97 27.14 42.66
N ALA B 270 17.12 26.50 43.81
CA ALA B 270 18.39 26.55 44.53
C ALA B 270 19.49 25.82 43.78
N ALA B 271 19.17 24.67 43.17
CA ALA B 271 20.18 23.92 42.44
C ALA B 271 20.70 24.71 41.23
N LEU B 272 19.77 25.31 40.47
CA LEU B 272 20.19 26.19 39.38
C LEU B 272 20.98 27.39 39.86
N GLU B 273 20.95 27.67 41.17
CA GLU B 273 21.71 28.79 41.71
C GLU B 273 23.19 28.46 41.84
N HIS B 274 23.49 27.27 42.37
CA HIS B 274 24.85 26.77 42.49
C HIS B 274 25.74 27.30 41.35
N HIS B 275 25.25 27.18 40.13
CA HIS B 275 25.95 27.71 38.97
C HIS B 275 25.06 28.71 38.23
N GLU C 4 3.82 -14.11 -32.10
CA GLU C 4 3.62 -12.67 -32.24
C GLU C 4 4.97 -11.98 -32.42
N PHE C 5 5.00 -10.66 -32.21
CA PHE C 5 6.22 -9.88 -32.25
C PHE C 5 6.33 -9.12 -30.95
N ASP C 6 7.55 -9.01 -30.42
CA ASP C 6 7.77 -8.17 -29.25
C ASP C 6 7.57 -6.70 -29.58
N ILE C 7 8.03 -6.28 -30.76
CA ILE C 7 8.09 -4.88 -31.13
C ILE C 7 7.53 -4.72 -32.53
N THR C 8 6.78 -3.64 -32.76
CA THR C 8 6.50 -3.13 -34.10
C THR C 8 7.13 -1.75 -34.23
N VAL C 9 7.86 -1.52 -35.31
CA VAL C 9 8.41 -0.20 -35.63
C VAL C 9 7.68 0.33 -36.85
N VAL C 10 6.99 1.45 -36.69
CA VAL C 10 6.31 2.16 -37.76
C VAL C 10 7.26 3.22 -38.29
N ILE C 11 7.51 3.19 -39.60
CA ILE C 11 8.44 4.12 -40.22
C ILE C 11 7.68 4.89 -41.29
N PRO C 12 7.24 6.12 -40.99
CA PRO C 12 6.59 6.94 -42.03
C PRO C 12 7.66 7.52 -42.95
N THR C 13 7.43 7.44 -44.26
CA THR C 13 8.42 7.89 -45.22
C THR C 13 7.80 8.73 -46.33
N PHE C 14 8.55 9.74 -46.76
CA PHE C 14 8.30 10.41 -48.04
C PHE C 14 9.63 10.95 -48.54
N LYS C 15 10.05 10.51 -49.73
CA LYS C 15 11.31 10.94 -50.34
C LYS C 15 12.48 10.74 -49.36
N ALA C 16 12.67 9.48 -48.96
CA ALA C 16 13.65 9.14 -47.95
C ALA C 16 14.79 8.26 -48.49
N GLU C 17 15.04 8.29 -49.80
CA GLU C 17 16.07 7.42 -50.36
C GLU C 17 17.42 7.66 -49.72
N LYS C 18 17.68 8.87 -49.24
CA LYS C 18 18.97 9.18 -48.63
C LYS C 18 19.26 8.26 -47.46
N THR C 19 18.27 8.05 -46.58
CA THR C 19 18.51 7.56 -45.24
C THR C 19 17.70 6.34 -44.83
N VAL C 20 16.71 5.92 -45.63
CA VAL C 20 15.81 4.86 -45.18
C VAL C 20 16.56 3.55 -44.97
N GLY C 21 17.63 3.32 -45.73
CA GLY C 21 18.43 2.13 -45.50
C GLY C 21 19.07 2.12 -44.12
N GLN C 22 19.72 3.22 -43.75
CA GLN C 22 20.32 3.32 -42.43
C GLN C 22 19.26 3.17 -41.33
N CYS C 23 18.07 3.70 -41.58
CA CYS C 23 16.98 3.59 -40.62
C CYS C 23 16.60 2.14 -40.41
N LEU C 24 16.32 1.42 -41.50
CA LEU C 24 15.97 0.01 -41.36
C LEU C 24 17.11 -0.80 -40.73
N GLU C 25 18.36 -0.48 -41.09
CA GLU C 25 19.49 -1.21 -40.52
C GLU C 25 19.51 -1.11 -38.99
N SER C 26 19.11 0.04 -38.46
CA SER C 26 19.15 0.25 -37.01
C SER C 26 18.10 -0.57 -36.29
N VAL C 27 17.04 -0.96 -36.99
CA VAL C 27 16.04 -1.86 -36.41
C VAL C 27 16.49 -3.31 -36.53
N LEU C 28 16.96 -3.70 -37.70
CA LEU C 28 17.29 -5.10 -37.96
C LEU C 28 18.50 -5.59 -37.17
N SER C 29 19.35 -4.68 -36.69
CA SER C 29 20.50 -5.09 -35.90
C SER C 29 20.16 -5.28 -34.43
N GLN C 30 18.94 -4.95 -34.01
CA GLN C 30 18.55 -5.03 -32.61
C GLN C 30 18.46 -6.50 -32.18
N GLN C 31 19.27 -6.86 -31.20
CA GLN C 31 19.32 -8.24 -30.74
C GLN C 31 18.30 -8.49 -29.64
N GLY C 32 17.90 -9.75 -29.51
CA GLY C 32 17.10 -10.20 -28.39
C GLY C 32 15.62 -10.00 -28.50
N VAL C 33 15.12 -9.54 -29.65
CA VAL C 33 13.70 -9.27 -29.80
C VAL C 33 13.21 -9.76 -31.15
N SER C 34 11.94 -10.14 -31.21
CA SER C 34 11.24 -10.38 -32.46
C SER C 34 10.57 -9.08 -32.87
N THR C 35 10.90 -8.59 -34.07
CA THR C 35 10.46 -7.27 -34.50
C THR C 35 9.79 -7.34 -35.85
N GLU C 36 8.71 -6.56 -35.98
CA GLU C 36 8.01 -6.30 -37.23
C GLU C 36 8.26 -4.86 -37.61
N ILE C 37 8.35 -4.59 -38.91
CA ILE C 37 8.54 -3.24 -39.44
C ILE C 37 7.40 -2.95 -40.39
N ILE C 38 6.77 -1.79 -40.23
CA ILE C 38 5.72 -1.31 -41.13
C ILE C 38 6.18 0.03 -41.68
N VAL C 39 6.56 0.04 -42.96
CA VAL C 39 6.92 1.27 -43.65
C VAL C 39 5.64 1.82 -44.26
N VAL C 40 5.32 3.08 -43.94
CA VAL C 40 4.14 3.75 -44.47
C VAL C 40 4.62 4.90 -45.33
N ASP C 41 4.69 4.68 -46.64
CA ASP C 41 5.24 5.64 -47.58
C ASP C 41 4.12 6.43 -48.24
N GLY C 42 4.35 7.72 -48.45
CA GLY C 42 3.32 8.61 -48.98
C GLY C 42 3.28 8.76 -50.48
N GLY C 43 3.82 7.77 -51.19
CA GLY C 43 3.85 7.80 -52.63
C GLY C 43 5.10 8.47 -53.16
N SER C 44 6.25 8.09 -52.62
CA SER C 44 7.48 8.77 -52.95
C SER C 44 7.81 8.62 -54.44
N PRO C 45 8.34 9.68 -55.08
CA PRO C 45 8.76 9.57 -56.48
C PRO C 45 10.20 9.13 -56.66
N ASP C 46 10.98 9.00 -55.58
CA ASP C 46 12.38 8.64 -55.64
C ASP C 46 12.54 7.14 -55.43
N ALA C 47 13.71 6.70 -54.99
CA ALA C 47 14.02 5.28 -54.87
C ALA C 47 13.67 4.71 -53.50
N THR C 48 12.88 5.44 -52.70
CA THR C 48 12.55 4.96 -51.36
C THR C 48 12.00 3.54 -51.40
N ILE C 49 10.96 3.32 -52.20
CA ILE C 49 10.29 2.02 -52.18
C ILE C 49 11.24 0.92 -52.69
N SER C 50 12.03 1.21 -53.73
CA SER C 50 12.96 0.19 -54.22
C SER C 50 13.95 -0.22 -53.13
N ILE C 51 14.39 0.74 -52.32
CA ILE C 51 15.33 0.42 -51.25
C ILE C 51 14.64 -0.42 -50.18
N VAL C 52 13.44 0.00 -49.76
CA VAL C 52 12.71 -0.75 -48.73
C VAL C 52 12.42 -2.17 -49.22
N GLN C 53 12.13 -2.32 -50.51
CA GLN C 53 11.82 -3.66 -51.02
C GLN C 53 13.02 -4.59 -51.01
N SER C 54 14.24 -4.05 -50.90
CA SER C 54 15.42 -4.91 -50.76
C SER C 54 15.46 -5.61 -49.40
N PHE C 55 14.59 -5.22 -48.46
CA PHE C 55 14.47 -5.85 -47.15
C PHE C 55 13.23 -6.74 -47.04
N SER C 56 12.68 -7.18 -48.18
CA SER C 56 11.41 -7.90 -48.15
C SER C 56 11.47 -9.21 -47.36
N SER C 57 12.65 -9.83 -47.25
CA SER C 57 12.72 -11.08 -46.50
C SER C 57 12.62 -10.87 -44.99
N THR C 58 12.74 -9.65 -44.51
CA THR C 58 12.53 -9.36 -43.10
C THR C 58 11.03 -9.38 -42.80
N ASN C 59 10.68 -9.23 -41.52
CA ASN C 59 9.28 -9.13 -41.11
C ASN C 59 8.79 -7.72 -41.45
N LEU C 60 8.43 -7.52 -42.71
CA LEU C 60 8.28 -6.18 -43.27
C LEU C 60 6.97 -6.08 -44.03
N THR C 61 6.23 -5.00 -43.76
CA THR C 61 5.02 -4.65 -44.46
C THR C 61 5.23 -3.27 -45.07
N ILE C 62 4.84 -3.09 -46.33
CA ILE C 62 4.99 -1.82 -47.02
C ILE C 62 3.61 -1.31 -47.41
N ILE C 63 3.28 -0.12 -46.95
CA ILE C 63 2.14 0.64 -47.45
C ILE C 63 2.70 1.80 -48.25
N SER C 64 2.19 2.00 -49.47
CA SER C 64 2.64 3.11 -50.30
C SER C 64 1.43 3.71 -51.00
N GLU C 65 0.99 4.87 -50.50
CA GLU C 65 -0.18 5.56 -51.01
C GLU C 65 -0.20 6.94 -50.40
N PRO C 66 -0.84 7.90 -51.06
CA PRO C 66 -0.86 9.26 -50.51
C PRO C 66 -1.53 9.30 -49.13
N ASP C 67 -1.09 10.24 -48.32
CA ASP C 67 -1.65 10.43 -46.99
C ASP C 67 -1.92 11.90 -46.76
N ARG C 68 -2.53 12.19 -45.61
CA ARG C 68 -2.85 13.55 -45.18
C ARG C 68 -1.81 14.08 -44.20
N GLY C 69 -0.56 13.68 -44.36
CA GLY C 69 0.50 14.12 -43.49
C GLY C 69 1.07 12.98 -42.65
N ILE C 70 2.13 13.32 -41.91
CA ILE C 70 2.91 12.28 -41.24
C ILE C 70 2.06 11.55 -40.19
N TYR C 71 1.16 12.26 -39.51
CA TYR C 71 0.37 11.59 -38.49
C TYR C 71 -0.69 10.67 -39.08
N ASP C 72 -1.15 10.96 -40.30
CA ASP C 72 -2.02 10.02 -41.02
C ASP C 72 -1.25 8.74 -41.35
N ALA C 73 -0.02 8.88 -41.83
CA ALA C 73 0.84 7.73 -42.06
C ALA C 73 1.07 6.94 -40.78
N ILE C 74 1.41 7.64 -39.69
CA ILE C 74 1.62 6.94 -38.42
C ILE C 74 0.37 6.17 -38.01
N ASN C 75 -0.81 6.79 -38.13
CA ASN C 75 -2.04 6.09 -37.76
C ASN C 75 -2.22 4.82 -38.59
N LYS C 76 -1.91 4.88 -39.88
CA LYS C 76 -2.04 3.68 -40.72
C LYS C 76 -1.13 2.56 -40.21
N GLY C 77 0.10 2.91 -39.82
CA GLY C 77 1.03 1.90 -39.34
C GLY C 77 0.64 1.34 -37.99
N VAL C 78 0.27 2.23 -37.05
CA VAL C 78 -0.17 1.77 -35.74
C VAL C 78 -1.36 0.83 -35.88
N SER C 79 -2.28 1.14 -36.80
CA SER C 79 -3.48 0.32 -36.96
C SER C 79 -3.16 -1.08 -37.46
N ARG C 80 -2.05 -1.24 -38.18
CA ARG C 80 -1.63 -2.53 -38.70
C ARG C 80 -0.65 -3.25 -37.80
N ALA C 81 -0.21 -2.62 -36.72
CA ALA C 81 0.85 -3.19 -35.89
C ALA C 81 0.35 -4.40 -35.12
N GLN C 82 1.20 -5.43 -35.03
CA GLN C 82 0.91 -6.63 -34.27
C GLN C 82 1.86 -6.84 -33.10
N GLY C 83 2.86 -5.97 -32.93
CA GLY C 83 3.83 -6.15 -31.87
C GLY C 83 3.32 -5.69 -30.51
N GLY C 84 3.93 -6.23 -29.46
CA GLY C 84 3.50 -5.90 -28.11
C GLY C 84 3.72 -4.44 -27.78
N MET C 85 4.84 -3.89 -28.20
CA MET C 85 5.15 -2.48 -28.01
C MET C 85 5.41 -1.87 -29.38
N ILE C 86 4.90 -0.65 -29.58
CA ILE C 86 4.89 0.00 -30.88
C ILE C 86 5.74 1.26 -30.80
N GLY C 87 6.72 1.37 -31.68
CA GLY C 87 7.51 2.57 -31.79
C GLY C 87 7.37 3.22 -33.15
N VAL C 88 7.67 4.52 -33.21
CA VAL C 88 7.63 5.30 -34.44
C VAL C 88 9.02 5.86 -34.67
N LEU C 89 9.60 5.55 -35.82
CA LEU C 89 10.96 5.95 -36.15
C LEU C 89 10.92 6.69 -37.48
N GLY C 90 11.36 7.94 -37.46
CA GLY C 90 11.43 8.70 -38.70
C GLY C 90 12.50 8.16 -39.62
N ALA C 91 12.30 8.41 -40.93
CA ALA C 91 13.16 7.81 -41.94
C ALA C 91 14.58 8.35 -41.89
N ASP C 92 14.81 9.47 -41.23
CA ASP C 92 16.15 10.01 -41.02
C ASP C 92 16.60 9.89 -39.58
N ASP C 93 15.92 9.08 -38.79
CA ASP C 93 16.34 8.74 -37.44
C ASP C 93 16.99 7.37 -37.42
N VAL C 94 17.71 7.09 -36.34
CA VAL C 94 18.21 5.74 -36.08
C VAL C 94 18.02 5.42 -34.61
N TYR C 95 17.66 4.17 -34.31
CA TYR C 95 17.73 3.66 -32.96
C TYR C 95 19.17 3.33 -32.61
N LYS C 96 19.53 3.52 -31.34
CA LYS C 96 20.84 3.11 -30.86
C LYS C 96 20.82 1.61 -30.53
N PRO C 97 21.99 0.99 -30.41
CA PRO C 97 22.03 -0.46 -30.12
C PRO C 97 21.37 -0.79 -28.79
N ASN C 98 20.77 -1.99 -28.75
CA ASN C 98 20.20 -2.59 -27.54
C ASN C 98 18.93 -1.91 -27.04
N VAL C 99 18.36 -0.99 -27.81
CA VAL C 99 17.18 -0.26 -27.33
C VAL C 99 15.96 -1.17 -27.26
N LEU C 100 15.74 -2.00 -28.28
CA LEU C 100 14.51 -2.80 -28.30
C LEU C 100 14.50 -3.86 -27.20
N SER C 101 15.66 -4.44 -26.87
CA SER C 101 15.73 -5.37 -25.75
C SER C 101 15.39 -4.66 -24.44
N VAL C 102 15.80 -3.40 -24.30
CA VAL C 102 15.45 -2.64 -23.11
C VAL C 102 13.95 -2.37 -23.06
N VAL C 103 13.34 -2.05 -24.21
CA VAL C 103 11.90 -1.85 -24.27
C VAL C 103 11.18 -3.11 -23.85
N LYS C 104 11.57 -4.26 -24.43
CA LYS C 104 10.93 -5.52 -24.07
C LYS C 104 11.08 -5.80 -22.58
N GLU C 105 12.28 -5.61 -22.05
CA GLU C 105 12.53 -5.86 -20.63
C GLU C 105 11.63 -4.98 -19.76
N ASN C 106 11.58 -3.69 -20.05
CA ASN C 106 10.77 -2.79 -19.22
C ASN C 106 9.28 -3.07 -19.40
N ALA C 107 8.86 -3.46 -20.61
CA ALA C 107 7.46 -3.80 -20.84
C ALA C 107 7.07 -5.12 -20.18
N SER C 108 8.04 -5.95 -19.81
CA SER C 108 7.73 -7.26 -19.24
C SER C 108 6.97 -7.15 -17.93
N ARG C 109 7.07 -6.02 -17.24
CA ARG C 109 6.41 -5.82 -15.96
C ARG C 109 5.05 -5.15 -16.09
N GLY C 110 4.60 -4.88 -17.32
CA GLY C 110 3.26 -4.38 -17.55
C GLY C 110 3.16 -2.90 -17.82
N VAL C 111 4.27 -2.16 -17.83
CA VAL C 111 4.21 -0.74 -18.10
C VAL C 111 3.75 -0.52 -19.53
N GLU C 112 2.91 0.50 -19.74
CA GLU C 112 2.25 0.69 -21.03
C GLU C 112 3.02 1.57 -21.99
N ILE C 113 3.86 2.47 -21.47
CA ILE C 113 4.70 3.34 -22.28
C ILE C 113 6.12 3.25 -21.74
N VAL C 114 7.09 3.00 -22.61
CA VAL C 114 8.51 3.07 -22.27
C VAL C 114 9.13 4.15 -23.16
N ALA C 115 9.78 5.13 -22.54
CA ALA C 115 10.40 6.22 -23.27
C ALA C 115 11.85 6.38 -22.86
N GLY C 116 12.67 6.80 -23.82
CA GLY C 116 14.07 7.04 -23.59
C GLY C 116 14.49 8.46 -23.94
N LEU C 117 15.79 8.70 -23.92
CA LEU C 117 16.35 10.00 -24.27
C LEU C 117 16.54 10.11 -25.79
N THR C 118 16.73 11.36 -26.24
CA THR C 118 16.84 11.69 -27.65
C THR C 118 18.07 12.56 -27.85
N LEU C 119 18.92 12.20 -28.80
CA LEU C 119 20.09 12.99 -29.16
C LEU C 119 19.75 13.82 -30.40
N ILE C 120 19.91 15.14 -30.30
CA ILE C 120 19.57 16.08 -31.37
C ILE C 120 20.77 16.98 -31.61
N ASP C 121 21.40 16.84 -32.78
CA ASP C 121 22.56 17.65 -33.13
C ASP C 121 23.60 17.62 -32.01
N GLY C 122 23.81 16.44 -31.43
CA GLY C 122 24.86 16.26 -30.46
C GLY C 122 24.51 16.66 -29.04
N GLN C 123 23.27 17.04 -28.77
CA GLN C 123 22.83 17.39 -27.43
C GLN C 123 21.59 16.60 -27.06
N LEU C 124 21.47 16.26 -25.79
CA LEU C 124 20.27 15.59 -25.34
C LEU C 124 19.09 16.56 -25.39
N ARG C 125 17.96 16.06 -25.90
CA ARG C 125 16.72 16.82 -25.83
C ARG C 125 16.41 17.14 -24.37
N ALA C 126 15.92 18.36 -24.13
CA ALA C 126 15.67 18.83 -22.77
C ALA C 126 14.30 18.33 -22.33
N ASP C 127 14.28 17.06 -21.89
CA ASP C 127 13.02 16.42 -21.58
C ASP C 127 12.42 16.93 -20.27
N GLU C 128 11.10 16.83 -20.17
CA GLU C 128 10.33 17.04 -18.95
C GLU C 128 9.79 15.69 -18.46
N GLN C 129 9.12 15.72 -17.32
CA GLN C 129 8.55 14.51 -16.76
C GLN C 129 7.15 14.23 -17.30
N TYR C 130 6.85 12.95 -17.50
CA TYR C 130 5.50 12.48 -17.77
C TYR C 130 4.71 12.57 -16.47
N ARG C 131 3.87 13.61 -16.37
CA ARG C 131 3.13 13.96 -15.16
C ARG C 131 2.21 15.11 -15.54
N PRO C 132 1.28 15.50 -14.67
CA PRO C 132 0.33 16.58 -15.04
C PRO C 132 0.98 17.89 -15.50
N ALA C 133 2.15 18.25 -14.99
CA ALA C 133 2.79 19.49 -15.45
C ALA C 133 3.05 19.49 -16.95
N ALA C 134 3.13 18.32 -17.61
CA ALA C 134 3.30 18.30 -19.06
C ALA C 134 2.08 18.86 -19.77
N LEU C 135 0.93 18.89 -19.11
CA LEU C 135 -0.31 19.30 -19.76
C LEU C 135 -0.39 20.81 -19.99
N ILE C 136 0.50 21.59 -19.38
CA ILE C 136 0.61 23.01 -19.67
C ILE C 136 1.89 23.29 -20.47
N SER C 137 2.44 22.26 -21.08
CA SER C 137 3.65 22.36 -21.87
C SER C 137 3.45 21.54 -23.14
N GLY C 138 4.52 20.97 -23.65
CA GLY C 138 4.45 20.14 -24.84
C GLY C 138 4.68 18.68 -24.53
N ILE C 139 5.24 17.94 -25.46
CA ILE C 139 5.51 16.52 -25.22
C ILE C 139 6.72 16.41 -24.31
N PRO C 140 6.66 15.58 -23.25
CA PRO C 140 7.75 15.57 -22.27
C PRO C 140 9.02 14.85 -22.70
N PHE C 141 8.92 13.96 -23.69
CA PHE C 141 10.07 13.26 -24.23
C PHE C 141 9.93 13.31 -25.75
N GLY C 142 10.98 12.94 -26.46
CA GLY C 142 10.90 12.88 -27.91
C GLY C 142 9.96 11.78 -28.36
N HIS C 143 9.10 12.09 -29.34
CA HIS C 143 8.12 11.11 -29.76
C HIS C 143 8.79 9.86 -30.34
N ASN C 144 9.89 10.02 -31.05
CA ASN C 144 10.56 8.87 -31.64
C ASN C 144 11.30 8.03 -30.62
N ALA C 145 11.44 8.52 -29.40
CA ALA C 145 12.01 7.75 -28.29
C ALA C 145 10.95 7.05 -27.46
N MET C 146 9.69 7.08 -27.90
CA MET C 146 8.58 6.51 -27.15
C MET C 146 8.13 5.20 -27.78
N PHE C 147 7.87 4.22 -26.92
CA PHE C 147 7.20 2.98 -27.29
C PHE C 147 5.95 2.85 -26.46
N ALA C 148 4.84 2.48 -27.09
CA ALA C 148 3.56 2.33 -26.40
C ALA C 148 2.94 0.98 -26.75
N SER C 149 2.28 0.37 -25.77
CA SER C 149 1.73 -0.96 -25.95
C SER C 149 0.46 -0.92 -26.79
N GLN C 150 0.07 -2.10 -27.27
CA GLN C 150 -1.22 -2.22 -27.95
C GLN C 150 -2.34 -1.69 -27.06
N GLU C 151 -2.27 -1.98 -25.76
CA GLU C 151 -3.32 -1.53 -24.84
C GLU C 151 -3.32 -0.02 -24.71
N ALA C 152 -2.14 0.61 -24.69
CA ALA C 152 -2.09 2.07 -24.64
C ALA C 152 -2.80 2.67 -25.85
N TYR C 153 -2.54 2.15 -27.04
CA TYR C 153 -3.22 2.68 -28.22
C TYR C 153 -4.69 2.35 -28.25
N ARG C 154 -5.09 1.18 -27.74
CA ARG C 154 -6.52 0.88 -27.66
C ARG C 154 -7.25 1.87 -26.77
N LYS C 155 -6.63 2.21 -25.63
CA LYS C 155 -7.31 3.06 -24.65
C LYS C 155 -7.26 4.53 -25.03
N VAL C 156 -6.12 4.99 -25.57
CA VAL C 156 -5.98 6.41 -25.90
C VAL C 156 -6.59 6.71 -27.27
N GLY C 157 -6.38 5.83 -28.24
CA GLY C 157 -6.82 6.08 -29.60
C GLY C 157 -5.67 6.51 -30.49
N LEU C 158 -6.02 7.06 -31.64
CA LEU C 158 -5.05 7.42 -32.67
C LEU C 158 -4.68 8.90 -32.57
N TYR C 159 -3.69 9.29 -33.39
CA TYR C 159 -3.28 10.69 -33.45
C TYR C 159 -4.34 11.56 -34.12
N ASP C 160 -4.52 12.77 -33.60
CA ASP C 160 -5.54 13.72 -34.07
C ASP C 160 -4.95 14.54 -35.21
N LEU C 161 -5.47 14.32 -36.43
CA LEU C 161 -4.90 14.95 -37.62
C LEU C 161 -5.13 16.45 -37.67
N ALA C 162 -5.94 17.00 -36.78
CA ALA C 162 -6.09 18.44 -36.71
C ALA C 162 -4.78 19.11 -36.32
N TYR C 163 -3.93 18.40 -35.59
CA TYR C 163 -2.63 18.93 -35.16
C TYR C 163 -1.59 18.44 -36.13
N ARG C 164 -1.19 19.30 -37.07
CA ARG C 164 -0.21 18.90 -38.06
C ARG C 164 1.19 18.82 -37.49
N ILE C 165 1.47 19.53 -36.40
CA ILE C 165 2.78 19.54 -35.78
C ILE C 165 2.76 18.82 -34.44
N CYS C 166 1.80 19.15 -33.59
CA CYS C 166 1.82 18.80 -32.18
C CYS C 166 0.91 17.63 -31.83
N ALA C 167 0.53 16.81 -32.82
CA ALA C 167 -0.31 15.66 -32.52
C ALA C 167 0.39 14.69 -31.59
N ASP C 168 1.73 14.67 -31.60
CA ASP C 168 2.45 13.81 -30.67
C ASP C 168 2.21 14.25 -29.22
N ALA C 169 2.37 15.55 -28.96
CA ALA C 169 2.07 16.08 -27.64
C ALA C 169 0.62 15.80 -27.24
N GLU C 170 -0.32 16.03 -28.16
CA GLU C 170 -1.73 15.88 -27.83
C GLU C 170 -2.04 14.43 -27.44
N TRP C 171 -1.42 13.47 -28.12
CA TRP C 171 -1.61 12.06 -27.78
C TRP C 171 -1.03 11.74 -26.40
N VAL C 172 0.20 12.17 -26.12
CA VAL C 172 0.79 11.90 -24.82
C VAL C 172 -0.01 12.56 -23.71
N HIS C 173 -0.57 13.75 -23.97
CA HIS C 173 -1.41 14.39 -22.96
C HIS C 173 -2.67 13.56 -22.68
N ARG C 174 -3.27 13.00 -23.74
CA ARG C 174 -4.40 12.10 -23.55
C ARG C 174 -4.00 10.88 -22.72
N ALA C 175 -2.78 10.38 -22.93
CA ALA C 175 -2.30 9.25 -22.14
C ALA C 175 -2.16 9.63 -20.67
N ILE C 176 -1.62 10.81 -20.39
CA ILE C 176 -1.53 11.29 -19.01
C ILE C 176 -2.91 11.41 -18.39
N LYS C 177 -3.86 12.00 -19.12
CA LYS C 177 -5.20 12.17 -18.60
C LYS C 177 -5.92 10.84 -18.42
N SER C 178 -5.49 9.80 -19.14
CA SER C 178 -6.07 8.47 -19.04
C SER C 178 -5.35 7.58 -18.03
N ASP C 179 -4.31 8.10 -17.36
CA ASP C 179 -3.59 7.36 -16.34
C ASP C 179 -2.84 6.16 -16.93
N ILE C 180 -2.34 6.32 -18.15
CA ILE C 180 -1.50 5.30 -18.78
C ILE C 180 -0.14 5.30 -18.08
N SER C 181 0.35 4.12 -17.74
CA SER C 181 1.60 3.99 -17.02
C SER C 181 2.80 4.21 -17.93
N CYS C 182 3.89 4.74 -17.37
CA CYS C 182 5.05 5.11 -18.16
C CYS C 182 6.32 4.91 -17.35
N ARG C 183 7.35 4.38 -18.00
CA ARG C 183 8.69 4.26 -17.44
C ARG C 183 9.65 5.02 -18.35
N LYS C 184 10.40 5.96 -17.77
CA LYS C 184 11.43 6.71 -18.47
C LYS C 184 12.78 6.05 -18.21
N VAL C 185 13.50 5.75 -19.28
CA VAL C 185 14.79 5.08 -19.22
C VAL C 185 15.85 6.11 -19.59
N GLU C 186 16.89 6.21 -18.76
CA GLU C 186 17.91 7.24 -18.95
C GLU C 186 19.02 6.75 -19.88
N GLN C 187 18.62 6.38 -21.08
CA GLN C 187 19.60 6.17 -22.14
C GLN C 187 19.05 6.68 -23.46
N VAL C 188 19.96 6.99 -24.37
CA VAL C 188 19.57 7.47 -25.69
C VAL C 188 18.94 6.33 -26.47
N PHE C 189 17.67 6.48 -26.81
CA PHE C 189 17.00 5.50 -27.67
C PHE C 189 17.15 5.85 -29.14
N VAL C 190 17.20 7.14 -29.48
CA VAL C 190 17.12 7.58 -30.86
C VAL C 190 18.08 8.74 -31.09
N GLU C 191 18.74 8.75 -32.24
CA GLU C 191 19.44 9.92 -32.72
C GLU C 191 18.55 10.53 -33.81
N PHE C 192 17.99 11.71 -33.53
CA PHE C 192 16.92 12.31 -34.31
C PHE C 192 17.51 13.16 -35.42
N GLY C 193 17.13 12.86 -36.66
CA GLY C 193 17.71 13.56 -37.80
C GLY C 193 17.20 14.98 -37.91
N THR C 194 18.11 15.89 -38.30
CA THR C 194 17.81 17.31 -38.35
C THR C 194 17.99 17.93 -39.73
N GLU C 195 18.39 17.16 -40.74
CA GLU C 195 18.59 17.73 -42.06
C GLU C 195 17.26 18.22 -42.62
N GLY C 196 17.17 19.54 -42.83
CA GLY C 196 15.94 20.15 -43.29
C GLY C 196 15.60 21.41 -42.52
N ASN C 201 7.99 27.40 -38.89
CA ASN C 201 7.28 28.65 -38.68
C ASN C 201 6.87 28.77 -37.21
N PRO C 202 7.80 29.27 -36.36
CA PRO C 202 7.53 29.33 -34.92
C PRO C 202 6.10 29.71 -34.55
N GLU C 203 5.54 30.70 -35.26
CA GLU C 203 4.20 31.19 -34.90
C GLU C 203 3.16 30.09 -35.04
N GLU C 204 3.31 29.21 -36.03
CA GLU C 204 2.37 28.11 -36.19
C GLU C 204 2.54 27.05 -35.10
N ILE C 205 3.77 26.83 -34.65
CA ILE C 205 4.00 25.84 -33.60
C ILE C 205 3.43 26.34 -32.27
N ILE C 206 3.68 27.61 -31.94
CA ILE C 206 3.15 28.16 -30.69
C ILE C 206 1.62 28.10 -30.71
N ALA C 207 1.01 28.40 -31.86
CA ALA C 207 -0.44 28.39 -31.94
C ALA C 207 -1.01 26.99 -31.69
N GLU C 208 -0.40 25.96 -32.29
CA GLU C 208 -0.87 24.60 -32.03
C GLU C 208 -0.68 24.22 -30.57
N ALA C 209 0.47 24.60 -29.99
CA ALA C 209 0.77 24.20 -28.61
C ALA C 209 -0.25 24.80 -27.65
N CYS C 210 -0.64 26.05 -27.85
CA CYS C 210 -1.65 26.66 -27.00
C CYS C 210 -3.01 26.00 -27.21
N SER C 211 -3.34 25.61 -28.43
CA SER C 211 -4.58 24.88 -28.67
C SER C 211 -4.60 23.55 -27.91
N VAL C 212 -3.47 22.85 -27.91
CA VAL C 212 -3.40 21.59 -27.17
C VAL C 212 -3.65 21.84 -25.68
N ILE C 213 -3.06 22.90 -25.13
CA ILE C 213 -3.22 23.18 -23.70
C ILE C 213 -4.66 23.51 -23.38
N GLN C 214 -5.32 24.32 -24.22
CA GLN C 214 -6.73 24.62 -23.96
C GLN C 214 -7.60 23.38 -24.09
N ARG C 215 -7.23 22.46 -24.97
CA ARG C 215 -7.97 21.20 -25.08
C ARG C 215 -7.88 20.40 -23.78
N ASN C 216 -6.76 20.51 -23.06
CA ASN C 216 -6.66 19.87 -21.75
C ASN C 216 -7.49 20.62 -20.71
N PHE C 217 -7.52 21.95 -20.82
CA PHE C 217 -8.07 22.83 -19.78
C PHE C 217 -8.96 23.85 -20.48
N PRO C 218 -10.18 23.46 -20.84
CA PRO C 218 -11.00 24.28 -21.73
C PRO C 218 -11.52 25.57 -21.12
N PHE C 219 -11.29 25.80 -19.83
CA PHE C 219 -11.65 27.04 -19.17
C PHE C 219 -10.62 28.14 -19.39
N LEU C 220 -9.44 27.82 -19.91
CA LEU C 220 -8.41 28.83 -20.09
C LEU C 220 -8.70 29.70 -21.31
N LEU C 221 -8.44 31.00 -21.16
CA LEU C 221 -8.36 31.87 -22.32
C LEU C 221 -7.06 31.60 -23.09
N LYS C 222 -7.06 31.97 -24.37
CA LYS C 222 -5.89 31.71 -25.21
C LYS C 222 -4.64 32.36 -24.62
N GLU C 223 -4.76 33.61 -24.17
CA GLU C 223 -3.60 34.31 -23.61
C GLU C 223 -3.11 33.65 -22.33
N GLU C 224 -4.03 33.07 -21.55
CA GLU C 224 -3.62 32.34 -20.36
C GLU C 224 -2.88 31.07 -20.72
N ALA C 225 -3.36 30.32 -21.72
CA ALA C 225 -2.64 29.13 -22.15
C ALA C 225 -1.23 29.48 -22.61
N LYS C 226 -1.09 30.58 -23.37
CA LYS C 226 0.24 30.98 -23.82
C LYS C 226 1.11 31.41 -22.64
N TYR C 227 0.53 32.15 -21.68
CA TYR C 227 1.31 32.58 -20.53
C TYR C 227 1.87 31.38 -19.77
N LEU C 228 1.06 30.32 -19.61
CA LEU C 228 1.53 29.14 -18.90
C LEU C 228 2.64 28.43 -19.68
N LEU C 229 2.47 28.30 -21.00
CA LEU C 229 3.50 27.66 -21.82
C LEU C 229 4.81 28.41 -21.73
N TYR C 230 4.76 29.74 -21.86
CA TYR C 230 5.98 30.53 -21.74
C TYR C 230 6.57 30.42 -20.35
N GLY C 231 5.71 30.35 -19.33
CA GLY C 231 6.22 30.23 -17.97
C GLY C 231 7.01 28.95 -17.75
N VAL C 232 6.43 27.82 -18.17
CA VAL C 232 7.08 26.54 -17.90
C VAL C 232 8.34 26.37 -18.74
N ARG C 233 8.41 26.99 -19.91
CA ARG C 233 9.52 26.82 -20.82
C ARG C 233 10.67 27.77 -20.54
N GLY C 234 10.59 28.57 -19.47
CA GLY C 234 11.59 29.57 -19.18
C GLY C 234 11.63 30.72 -20.16
N TRP C 235 10.85 30.67 -21.24
CA TRP C 235 10.81 31.77 -22.19
C TRP C 235 10.13 33.00 -21.62
N GLY C 236 9.41 32.87 -20.51
CA GLY C 236 8.62 33.97 -19.98
C GLY C 236 8.59 33.98 -18.47
N GLU C 237 8.06 35.07 -17.93
CA GLU C 237 7.98 35.27 -16.49
C GLU C 237 6.76 34.54 -15.93
N THR C 238 6.66 34.57 -14.59
CA THR C 238 5.68 33.73 -13.89
C THR C 238 4.99 34.45 -12.75
N SER C 239 4.99 35.78 -12.74
CA SER C 239 4.38 36.50 -11.62
C SER C 239 2.87 36.31 -11.54
N ARG C 240 2.21 35.99 -12.66
CA ARG C 240 0.76 35.85 -12.67
C ARG C 240 0.30 34.42 -12.39
N ILE C 241 1.22 33.48 -12.13
CA ILE C 241 0.83 32.08 -11.98
C ILE C 241 -0.12 31.91 -10.81
N GLU C 242 0.14 32.61 -9.70
CA GLU C 242 -0.70 32.46 -8.52
C GLU C 242 -2.12 32.96 -8.80
N GLN C 243 -2.26 34.06 -9.54
CA GLN C 243 -3.58 34.55 -9.92
C GLN C 243 -4.33 33.51 -10.74
N ILE C 244 -3.66 32.90 -11.71
CA ILE C 244 -4.32 31.92 -12.57
C ILE C 244 -4.76 30.70 -11.77
N LEU C 245 -3.92 30.24 -10.84
CA LEU C 245 -4.27 29.08 -10.04
C LEU C 245 -5.51 29.35 -9.18
N ARG C 246 -5.58 30.53 -8.57
CA ARG C 246 -6.75 30.86 -7.76
C ARG C 246 -7.99 31.05 -8.62
N LYS C 247 -7.82 31.57 -9.84
CA LYS C 247 -8.95 31.82 -10.72
C LYS C 247 -9.65 30.53 -11.12
N TYR C 248 -8.89 29.49 -11.42
CA TYR C 248 -9.43 28.28 -12.00
C TYR C 248 -9.24 27.04 -11.15
N GLY C 249 -8.48 27.11 -10.05
CA GLY C 249 -8.22 25.92 -9.28
C GLY C 249 -9.48 25.13 -8.97
N HIS C 250 -10.56 25.82 -8.66
CA HIS C 250 -11.84 25.15 -8.40
C HIS C 250 -12.26 24.28 -9.58
N GLU C 251 -11.83 24.63 -10.79
CA GLU C 251 -12.33 23.94 -11.97
C GLU C 251 -11.83 22.50 -12.06
N SER C 252 -10.62 22.23 -11.56
CA SER C 252 -9.96 20.97 -11.89
C SER C 252 -8.79 20.66 -10.98
N VAL C 253 -8.85 19.53 -10.27
CA VAL C 253 -7.72 19.14 -9.44
C VAL C 253 -6.52 18.80 -10.32
N LEU C 254 -6.75 18.30 -11.53
CA LEU C 254 -5.65 18.02 -12.45
C LEU C 254 -4.89 19.31 -12.81
N PHE C 255 -5.63 20.41 -12.99
CA PHE C 255 -5.00 21.70 -13.26
C PHE C 255 -4.18 22.16 -12.06
N VAL C 256 -4.71 21.98 -10.84
CA VAL C 256 -3.96 22.37 -9.65
C VAL C 256 -2.67 21.58 -9.57
N THR C 257 -2.73 20.27 -9.81
CA THR C 257 -1.53 19.45 -9.75
C THR C 257 -0.51 19.88 -10.79
N ALA C 258 -0.98 20.19 -12.01
CA ALA C 258 -0.06 20.61 -13.06
C ALA C 258 0.70 21.87 -12.65
N LEU C 259 -0.01 22.88 -12.14
CA LEU C 259 0.65 24.13 -11.80
C LEU C 259 1.55 23.99 -10.58
N GLN C 260 1.14 23.17 -9.61
CA GLN C 260 1.98 22.97 -8.43
C GLN C 260 3.29 22.28 -8.81
N GLU C 261 3.22 21.29 -9.70
CA GLU C 261 4.43 20.61 -10.15
C GLU C 261 5.30 21.53 -11.00
N ALA C 262 4.67 22.28 -11.91
CA ALA C 262 5.43 23.08 -12.87
C ALA C 262 6.03 24.32 -12.23
N PHE C 263 5.41 24.85 -11.18
CA PHE C 263 5.83 26.10 -10.54
C PHE C 263 5.91 25.88 -9.04
N PRO C 264 7.02 25.31 -8.56
CA PRO C 264 7.13 25.01 -7.13
C PRO C 264 6.79 26.16 -6.19
N ALA C 265 6.84 27.39 -6.68
CA ALA C 265 6.58 28.57 -5.85
C ALA C 265 5.13 29.03 -5.98
N VAL C 266 4.21 28.13 -5.67
CA VAL C 266 2.78 28.45 -5.67
C VAL C 266 2.08 27.62 -4.60
N GLU C 267 0.95 28.13 -4.12
CA GLU C 267 0.11 27.40 -3.17
C GLU C 267 -1.36 27.77 -3.35
N GLU D 4 -24.14 -14.98 11.28
CA GLU D 4 -23.25 -15.63 10.32
C GLU D 4 -22.04 -14.75 10.03
N PHE D 5 -22.25 -13.44 10.00
CA PHE D 5 -21.17 -12.50 9.75
C PHE D 5 -20.97 -11.60 10.96
N ASP D 6 -19.72 -11.48 11.40
CA ASP D 6 -19.38 -10.52 12.45
C ASP D 6 -19.55 -9.08 11.95
N ILE D 7 -19.19 -8.83 10.70
CA ILE D 7 -19.10 -7.48 10.15
C ILE D 7 -19.72 -7.46 8.77
N THR D 8 -20.48 -6.41 8.47
CA THR D 8 -20.79 -6.03 7.10
C THR D 8 -20.08 -4.72 6.80
N VAL D 9 -19.35 -4.65 5.70
CA VAL D 9 -18.75 -3.41 5.22
C VAL D 9 -19.52 -2.97 3.98
N VAL D 10 -20.12 -1.78 4.05
CA VAL D 10 -20.80 -1.17 2.91
C VAL D 10 -19.81 -0.26 2.21
N ILE D 11 -19.62 -0.44 0.92
CA ILE D 11 -18.68 0.33 0.13
C ILE D 11 -19.42 1.02 -1.00
N PRO D 12 -19.76 2.30 -0.84
CA PRO D 12 -20.36 3.04 -1.95
C PRO D 12 -19.29 3.41 -2.97
N THR D 13 -19.62 3.21 -4.25
CA THR D 13 -18.64 3.43 -5.31
C THR D 13 -19.24 4.16 -6.49
N PHE D 14 -18.44 5.04 -7.09
CA PHE D 14 -18.74 5.56 -8.43
C PHE D 14 -17.42 5.91 -9.10
N LYS D 15 -17.14 5.29 -10.24
CA LYS D 15 -15.90 5.52 -10.99
C LYS D 15 -14.69 5.36 -10.09
N ALA D 16 -14.61 4.21 -9.43
CA ALA D 16 -13.58 3.95 -8.42
C ALA D 16 -12.50 2.99 -8.90
N GLU D 17 -12.30 2.86 -10.21
CA GLU D 17 -11.36 1.86 -10.71
C GLU D 17 -9.94 2.08 -10.20
N LYS D 18 -9.59 3.32 -9.84
CA LYS D 18 -8.21 3.57 -9.44
C LYS D 18 -7.91 3.01 -8.05
N THR D 19 -8.91 2.89 -7.18
CA THR D 19 -8.67 2.60 -5.78
C THR D 19 -9.49 1.47 -5.19
N VAL D 20 -10.50 0.96 -5.89
CA VAL D 20 -11.41 -0.01 -5.28
C VAL D 20 -10.70 -1.32 -4.94
N GLY D 21 -9.66 -1.69 -5.70
CA GLY D 21 -8.92 -2.89 -5.37
C GLY D 21 -8.23 -2.79 -4.03
N GLN D 22 -7.56 -1.66 -3.78
CA GLN D 22 -6.87 -1.47 -2.51
C GLN D 22 -7.88 -1.43 -1.36
N CYS D 23 -9.02 -0.79 -1.60
CA CYS D 23 -10.08 -0.74 -0.60
C CYS D 23 -10.52 -2.14 -0.21
N LEU D 24 -10.85 -2.97 -1.20
CA LEU D 24 -11.28 -4.34 -0.94
C LEU D 24 -10.18 -5.15 -0.27
N GLU D 25 -8.92 -4.98 -0.71
CA GLU D 25 -7.83 -5.72 -0.08
C GLU D 25 -7.76 -5.41 1.42
N SER D 26 -8.07 -4.18 1.81
CA SER D 26 -7.97 -3.79 3.21
C SER D 26 -9.08 -4.41 4.05
N VAL D 27 -10.15 -4.87 3.40
CA VAL D 27 -11.23 -5.58 4.10
C VAL D 27 -10.98 -7.08 4.09
N LEU D 28 -10.65 -7.63 2.93
CA LEU D 28 -10.50 -9.08 2.82
C LEU D 28 -9.31 -9.61 3.61
N SER D 29 -8.33 -8.77 3.92
CA SER D 29 -7.16 -9.20 4.67
C SER D 29 -7.38 -9.16 6.17
N GLN D 30 -8.52 -8.66 6.63
CA GLN D 30 -8.77 -8.51 8.06
C GLN D 30 -8.92 -9.88 8.70
N GLN D 31 -8.07 -10.16 9.68
CA GLN D 31 -8.09 -11.45 10.35
C GLN D 31 -9.02 -11.42 11.55
N GLY D 32 -9.47 -12.61 11.94
CA GLY D 32 -10.23 -12.79 13.16
C GLY D 32 -11.71 -12.54 13.06
N VAL D 33 -12.26 -12.39 11.85
CA VAL D 33 -13.66 -12.05 11.67
C VAL D 33 -14.19 -12.71 10.40
N SER D 34 -15.50 -12.97 10.38
CA SER D 34 -16.22 -13.30 9.17
C SER D 34 -16.91 -12.02 8.68
N THR D 35 -16.71 -11.69 7.39
CA THR D 35 -17.10 -10.39 6.87
C THR D 35 -17.93 -10.55 5.61
N GLU D 36 -19.02 -9.77 5.54
CA GLU D 36 -19.82 -9.58 4.35
C GLU D 36 -19.49 -8.21 3.78
N ILE D 37 -19.40 -8.13 2.45
CA ILE D 37 -19.15 -6.87 1.76
C ILE D 37 -20.33 -6.59 0.85
N ILE D 38 -20.85 -5.36 0.93
CA ILE D 38 -21.89 -4.91 0.02
C ILE D 38 -21.34 -3.70 -0.72
N VAL D 39 -21.03 -3.88 -2.00
CA VAL D 39 -20.61 -2.80 -2.87
C VAL D 39 -21.86 -2.19 -3.48
N VAL D 40 -22.09 -0.90 -3.23
CA VAL D 40 -23.23 -0.19 -3.78
C VAL D 40 -22.69 0.82 -4.78
N ASP D 41 -22.73 0.46 -6.07
CA ASP D 41 -22.14 1.23 -7.14
C ASP D 41 -23.22 2.03 -7.84
N GLY D 42 -22.90 3.27 -8.18
CA GLY D 42 -23.89 4.16 -8.77
C GLY D 42 -23.98 4.13 -10.28
N GLY D 43 -23.64 2.99 -10.89
CA GLY D 43 -23.68 2.86 -12.33
C GLY D 43 -22.39 3.25 -12.99
N SER D 44 -21.26 2.77 -12.44
CA SER D 44 -19.96 3.15 -12.96
C SER D 44 -19.76 2.59 -14.36
N PRO D 45 -19.30 3.39 -15.32
CA PRO D 45 -18.98 2.86 -16.65
C PRO D 45 -17.54 2.43 -16.83
N ASP D 46 -16.71 2.53 -15.78
CA ASP D 46 -15.29 2.18 -15.87
C ASP D 46 -15.10 0.74 -15.42
N ALA D 47 -13.90 0.38 -14.99
CA ALA D 47 -13.60 -1.00 -14.63
C ALA D 47 -13.99 -1.39 -13.22
N THR D 48 -14.71 -0.51 -12.49
CA THR D 48 -15.03 -0.79 -11.08
C THR D 48 -15.67 -2.16 -10.89
N ILE D 49 -16.76 -2.44 -11.63
CA ILE D 49 -17.47 -3.70 -11.41
C ILE D 49 -16.58 -4.89 -11.75
N SER D 50 -15.81 -4.80 -12.84
CA SER D 50 -14.90 -5.89 -13.21
C SER D 50 -13.88 -6.14 -12.11
N ILE D 51 -13.28 -5.09 -11.58
CA ILE D 51 -12.29 -5.24 -10.51
C ILE D 51 -12.92 -5.93 -9.31
N VAL D 52 -14.11 -5.46 -8.91
CA VAL D 52 -14.80 -6.06 -7.76
C VAL D 52 -15.02 -7.55 -8.00
N GLN D 53 -15.56 -7.91 -9.17
CA GLN D 53 -15.86 -9.30 -9.44
C GLN D 53 -14.60 -10.15 -9.51
N SER D 54 -13.46 -9.54 -9.87
CA SER D 54 -12.23 -10.32 -10.02
C SER D 54 -11.74 -10.91 -8.70
N PHE D 55 -12.21 -10.41 -7.56
CA PHE D 55 -11.82 -11.01 -6.29
C PHE D 55 -12.51 -12.35 -6.04
N SER D 56 -13.61 -12.63 -6.73
CA SER D 56 -14.39 -13.86 -6.51
C SER D 56 -14.68 -14.09 -5.03
N SER D 57 -15.18 -13.05 -4.37
CA SER D 57 -15.46 -13.10 -2.95
C SER D 57 -16.86 -13.65 -2.74
N THR D 58 -16.94 -14.81 -2.09
CA THR D 58 -18.22 -15.47 -1.91
C THR D 58 -19.21 -14.62 -1.12
N ASN D 59 -18.71 -13.86 -0.15
CA ASN D 59 -19.57 -13.07 0.73
C ASN D 59 -19.79 -11.65 0.24
N LEU D 60 -19.51 -11.37 -1.03
CA LEU D 60 -19.64 -10.03 -1.57
C LEU D 60 -20.88 -9.93 -2.45
N THR D 61 -21.65 -8.87 -2.26
CA THR D 61 -22.84 -8.58 -3.04
C THR D 61 -22.62 -7.26 -3.75
N ILE D 62 -23.04 -7.19 -5.01
CA ILE D 62 -22.93 -5.96 -5.80
C ILE D 62 -24.33 -5.44 -6.11
N ILE D 63 -24.53 -4.16 -5.82
CA ILE D 63 -25.66 -3.38 -6.35
C ILE D 63 -25.07 -2.33 -7.27
N SER D 64 -25.56 -2.27 -8.51
CA SER D 64 -25.05 -1.30 -9.48
C SER D 64 -26.21 -0.67 -10.22
N GLU D 65 -26.51 0.60 -9.89
CA GLU D 65 -27.63 1.31 -10.49
C GLU D 65 -27.53 2.76 -10.05
N PRO D 66 -28.09 3.70 -10.81
CA PRO D 66 -28.05 5.11 -10.39
C PRO D 66 -28.69 5.29 -9.03
N ASP D 67 -28.18 6.27 -8.29
CA ASP D 67 -28.73 6.58 -6.97
C ASP D 67 -28.78 8.09 -6.82
N ARG D 68 -29.31 8.53 -5.68
CA ARG D 68 -29.51 9.95 -5.41
C ARG D 68 -28.36 10.56 -4.62
N GLY D 69 -27.20 9.91 -4.59
CA GLY D 69 -26.06 10.39 -3.85
C GLY D 69 -25.50 9.32 -2.92
N ILE D 70 -24.37 9.66 -2.31
CA ILE D 70 -23.63 8.68 -1.53
C ILE D 70 -24.48 8.14 -0.38
N TYR D 71 -25.29 8.99 0.25
CA TYR D 71 -26.06 8.50 1.39
C TYR D 71 -27.22 7.60 0.98
N ASP D 72 -27.76 7.81 -0.23
CA ASP D 72 -28.74 6.87 -0.79
C ASP D 72 -28.09 5.51 -0.99
N ALA D 73 -26.89 5.50 -1.57
CA ALA D 73 -26.13 4.25 -1.73
C ALA D 73 -25.86 3.59 -0.39
N ILE D 74 -25.43 4.38 0.58
CA ILE D 74 -25.19 3.83 1.93
C ILE D 74 -26.46 3.23 2.50
N ASN D 75 -27.59 3.93 2.39
CA ASN D 75 -28.84 3.38 2.92
C ASN D 75 -29.17 2.03 2.28
N LYS D 76 -28.95 1.91 0.96
CA LYS D 76 -29.24 0.65 0.30
C LYS D 76 -28.41 -0.48 0.87
N GLY D 77 -27.14 -0.20 1.19
CA GLY D 77 -26.27 -1.22 1.76
C GLY D 77 -26.65 -1.57 3.20
N VAL D 78 -26.90 -0.55 4.02
CA VAL D 78 -27.28 -0.81 5.41
C VAL D 78 -28.55 -1.65 5.47
N SER D 79 -29.52 -1.36 4.59
CA SER D 79 -30.78 -2.10 4.63
C SER D 79 -30.58 -3.58 4.31
N ARG D 80 -29.56 -3.92 3.54
CA ARG D 80 -29.32 -5.30 3.17
C ARG D 80 -28.28 -5.99 4.05
N ALA D 81 -27.62 -5.25 4.93
CA ALA D 81 -26.53 -5.80 5.71
C ALA D 81 -27.04 -6.85 6.68
N GLN D 82 -26.30 -7.96 6.78
CA GLN D 82 -26.61 -9.04 7.72
C GLN D 82 -25.58 -9.20 8.83
N GLY D 83 -24.52 -8.38 8.86
CA GLY D 83 -23.50 -8.53 9.88
C GLY D 83 -23.88 -7.92 11.22
N GLY D 84 -23.21 -8.41 12.26
CA GLY D 84 -23.53 -7.93 13.61
C GLY D 84 -23.19 -6.47 13.81
N MET D 85 -22.09 -6.01 13.19
CA MET D 85 -21.67 -4.61 13.17
C MET D 85 -21.49 -4.18 11.72
N ILE D 86 -21.89 -2.96 11.43
CA ILE D 86 -21.95 -2.45 10.07
C ILE D 86 -21.03 -1.25 9.96
N GLY D 87 -20.08 -1.31 9.03
CA GLY D 87 -19.21 -0.19 8.75
C GLY D 87 -19.42 0.32 7.33
N VAL D 88 -19.01 1.57 7.09
CA VAL D 88 -19.06 2.18 5.76
C VAL D 88 -17.64 2.61 5.41
N LEU D 89 -17.13 2.10 4.30
CA LEU D 89 -15.76 2.39 3.85
C LEU D 89 -15.84 2.96 2.45
N GLY D 90 -15.34 4.19 2.28
CA GLY D 90 -15.29 4.78 0.95
C GLY D 90 -14.26 4.11 0.07
N ALA D 91 -14.49 4.19 -1.24
CA ALA D 91 -13.65 3.47 -2.19
C ALA D 91 -12.23 3.97 -2.24
N ASP D 92 -11.99 5.20 -1.77
CA ASP D 92 -10.64 5.75 -1.67
C ASP D 92 -10.08 5.63 -0.26
N ASP D 93 -10.76 4.93 0.64
CA ASP D 93 -10.29 4.72 2.00
C ASP D 93 -9.74 3.31 2.16
N VAL D 94 -9.00 3.10 3.24
CA VAL D 94 -8.56 1.76 3.63
C VAL D 94 -8.71 1.60 5.13
N TYR D 95 -9.12 0.41 5.56
CA TYR D 95 -9.00 0.03 6.97
C TYR D 95 -7.56 -0.38 7.29
N LYS D 96 -7.11 -0.07 8.50
CA LYS D 96 -5.82 -0.52 8.96
C LYS D 96 -5.90 -1.97 9.44
N PRO D 97 -4.74 -2.64 9.54
CA PRO D 97 -4.76 -4.02 10.04
C PRO D 97 -5.37 -4.14 11.42
N ASN D 98 -6.03 -5.27 11.67
CA ASN D 98 -6.54 -5.67 12.98
C ASN D 98 -7.67 -4.79 13.48
N VAL D 99 -8.34 -4.07 12.58
CA VAL D 99 -9.43 -3.19 12.99
C VAL D 99 -10.71 -3.97 13.20
N LEU D 100 -11.06 -4.85 12.26
CA LEU D 100 -12.34 -5.54 12.39
C LEU D 100 -12.36 -6.47 13.60
N SER D 101 -11.22 -7.06 13.95
CA SER D 101 -11.17 -7.89 15.14
C SER D 101 -11.37 -7.05 16.40
N VAL D 102 -10.86 -5.82 16.40
CA VAL D 102 -11.11 -4.91 17.52
C VAL D 102 -12.59 -4.55 17.61
N VAL D 103 -13.23 -4.30 16.46
CA VAL D 103 -14.66 -4.03 16.48
C VAL D 103 -15.43 -5.23 17.04
N LYS D 104 -15.10 -6.43 16.57
CA LYS D 104 -15.78 -7.63 17.06
C LYS D 104 -15.62 -7.78 18.56
N GLU D 105 -14.40 -7.54 19.07
CA GLU D 105 -14.13 -7.70 20.50
C GLU D 105 -14.94 -6.71 21.33
N ASN D 106 -14.94 -5.44 20.91
CA ASN D 106 -15.71 -4.43 21.65
C ASN D 106 -17.20 -4.67 21.54
N ALA D 107 -17.67 -5.22 20.41
CA ALA D 107 -19.08 -5.54 20.27
C ALA D 107 -19.49 -6.77 21.08
N SER D 108 -18.53 -7.63 21.45
CA SER D 108 -18.85 -8.81 22.24
C SER D 108 -19.44 -8.46 23.60
N ARG D 109 -19.17 -7.26 24.11
CA ARG D 109 -19.73 -6.80 25.37
C ARG D 109 -21.05 -6.06 25.19
N GLY D 110 -21.56 -5.96 23.96
CA GLY D 110 -22.88 -5.40 23.74
C GLY D 110 -22.93 -3.94 23.39
N VAL D 111 -21.79 -3.27 23.25
CA VAL D 111 -21.81 -1.86 22.89
C VAL D 111 -22.34 -1.73 21.46
N GLU D 112 -23.09 -0.66 21.20
CA GLU D 112 -23.84 -0.54 19.96
C GLU D 112 -23.07 0.18 18.87
N ILE D 113 -22.22 1.13 19.24
CA ILE D 113 -21.35 1.83 18.29
C ILE D 113 -19.91 1.67 18.77
N VAL D 114 -19.02 1.31 17.84
CA VAL D 114 -17.58 1.29 18.08
C VAL D 114 -16.94 2.21 17.05
N ALA D 115 -16.18 3.19 17.51
CA ALA D 115 -15.55 4.15 16.62
C ALA D 115 -14.07 4.25 16.96
N GLY D 116 -13.28 4.51 15.93
CA GLY D 116 -11.85 4.70 16.12
C GLY D 116 -11.36 6.02 15.56
N LEU D 117 -10.04 6.18 15.50
CA LEU D 117 -9.42 7.39 14.99
C LEU D 117 -9.31 7.31 13.46
N THR D 118 -9.10 8.48 12.85
CA THR D 118 -9.02 8.64 11.41
C THR D 118 -7.77 9.43 11.06
N LEU D 119 -6.98 8.93 10.13
CA LEU D 119 -5.80 9.61 9.63
C LEU D 119 -6.15 10.31 8.32
N ILE D 120 -6.02 11.64 8.32
CA ILE D 120 -6.38 12.48 7.17
C ILE D 120 -5.18 13.34 6.83
N ASP D 121 -4.59 13.09 5.66
CA ASP D 121 -3.45 13.88 5.18
C ASP D 121 -2.34 13.94 6.23
N GLY D 122 -2.05 12.79 6.82
CA GLY D 122 -0.95 12.68 7.76
C GLY D 122 -1.21 13.25 9.12
N GLN D 123 -2.43 13.66 9.42
CA GLN D 123 -2.78 14.15 10.75
C GLN D 123 -4.00 13.41 11.24
N LEU D 124 -4.05 13.17 12.53
CA LEU D 124 -5.25 12.58 13.11
C LEU D 124 -6.40 13.58 13.06
N ARG D 125 -7.59 13.12 12.68
CA ARG D 125 -8.77 13.97 12.71
C ARG D 125 -8.98 14.49 14.12
N ALA D 126 -9.41 15.75 14.22
CA ALA D 126 -9.60 16.41 15.51
C ALA D 126 -10.94 16.01 16.10
N ASP D 127 -10.99 14.79 16.62
CA ASP D 127 -12.24 14.24 17.10
C ASP D 127 -12.70 14.93 18.38
N GLU D 128 -14.03 14.92 18.58
CA GLU D 128 -14.69 15.35 19.79
C GLU D 128 -15.33 14.13 20.45
N GLN D 129 -15.82 14.32 21.66
CA GLN D 129 -16.42 13.20 22.37
C GLN D 129 -17.86 12.99 21.94
N TYR D 130 -18.28 11.73 21.97
CA TYR D 130 -19.67 11.33 21.77
C TYR D 130 -20.41 11.61 23.08
N ARG D 131 -21.18 12.69 23.10
CA ARG D 131 -21.85 13.21 24.29
C ARG D 131 -22.70 14.40 23.85
N PRO D 132 -23.52 14.98 24.73
CA PRO D 132 -24.37 16.10 24.28
C PRO D 132 -23.63 17.27 23.67
N ALA D 133 -22.40 17.56 24.10
CA ALA D 133 -21.65 18.65 23.50
C ALA D 133 -21.49 18.49 21.99
N ALA D 134 -21.56 17.25 21.46
CA ALA D 134 -21.48 17.06 20.02
C ALA D 134 -22.69 17.65 19.28
N LEU D 135 -23.80 17.84 19.98
CA LEU D 135 -25.04 18.29 19.36
C LEU D 135 -25.02 19.75 18.96
N ILE D 136 -24.04 20.53 19.43
CA ILE D 136 -23.82 21.88 18.93
C ILE D 136 -22.61 21.94 18.00
N SER D 137 -22.22 20.81 17.45
CA SER D 137 -21.05 20.71 16.60
C SER D 137 -21.40 19.82 15.41
N GLY D 138 -20.40 19.19 14.82
CA GLY D 138 -20.59 18.23 13.77
C GLY D 138 -20.43 16.80 14.26
N ILE D 139 -20.02 15.92 13.36
CA ILE D 139 -19.84 14.52 13.75
C ILE D 139 -18.59 14.40 14.61
N PRO D 140 -18.66 13.69 15.75
CA PRO D 140 -17.52 13.71 16.70
C PRO D 140 -16.34 12.86 16.30
N PHE D 141 -16.54 11.84 15.48
CA PHE D 141 -15.48 11.00 14.94
C PHE D 141 -15.71 10.88 13.43
N GLY D 142 -14.72 10.37 12.72
CA GLY D 142 -14.90 10.18 11.28
C GLY D 142 -15.91 9.08 11.00
N HIS D 143 -16.79 9.34 10.03
CA HIS D 143 -17.87 8.39 9.78
C HIS D 143 -17.35 7.03 9.32
N ASN D 144 -16.28 7.01 8.53
CA ASN D 144 -15.72 5.76 8.06
C ASN D 144 -14.96 5.01 9.14
N ALA D 145 -14.71 5.65 10.27
CA ALA D 145 -14.14 4.97 11.44
C ALA D 145 -15.21 4.44 12.38
N MET D 146 -16.48 4.53 12.00
CA MET D 146 -17.59 4.12 12.83
C MET D 146 -18.15 2.76 12.40
N PHE D 147 -18.48 1.94 13.40
CA PHE D 147 -19.21 0.70 13.20
C PHE D 147 -20.42 0.75 14.11
N ALA D 148 -21.58 0.38 13.59
CA ALA D 148 -22.82 0.40 14.37
C ALA D 148 -23.56 -0.91 14.20
N SER D 149 -24.19 -1.37 15.28
CA SER D 149 -24.85 -2.66 15.29
C SER D 149 -26.18 -2.61 14.53
N GLN D 150 -26.69 -3.81 14.22
CA GLN D 150 -28.03 -3.91 13.66
C GLN D 150 -29.05 -3.18 14.53
N GLU D 151 -28.96 -3.35 15.84
CA GLU D 151 -29.92 -2.72 16.74
C GLU D 151 -29.79 -1.21 16.72
N ALA D 152 -28.55 -0.69 16.64
CA ALA D 152 -28.36 0.74 16.53
C ALA D 152 -29.08 1.30 15.30
N TYR D 153 -28.92 0.63 14.16
CA TYR D 153 -29.59 1.11 12.95
C TYR D 153 -31.10 0.94 13.02
N ARG D 154 -31.58 -0.12 13.66
CA ARG D 154 -33.02 -0.28 13.81
C ARG D 154 -33.59 0.86 14.66
N LYS D 155 -32.88 1.22 15.74
CA LYS D 155 -33.40 2.24 16.64
C LYS D 155 -33.28 3.63 16.04
N VAL D 156 -32.17 3.93 15.38
CA VAL D 156 -31.92 5.28 14.88
C VAL D 156 -32.60 5.50 13.54
N GLY D 157 -32.51 4.53 12.64
CA GLY D 157 -33.01 4.66 11.30
C GLY D 157 -31.89 4.87 10.29
N LEU D 158 -32.27 5.40 9.13
CA LEU D 158 -31.35 5.55 8.01
C LEU D 158 -30.87 7.00 7.89
N TYR D 159 -29.96 7.21 6.94
CA TYR D 159 -29.40 8.54 6.69
C TYR D 159 -30.40 9.41 5.96
N ASP D 160 -30.51 10.67 6.39
CA ASP D 160 -31.48 11.62 5.85
C ASP D 160 -30.92 12.25 4.58
N LEU D 161 -31.54 11.93 3.44
CA LEU D 161 -31.01 12.37 2.16
C LEU D 161 -31.11 13.88 1.96
N ALA D 162 -31.83 14.61 2.81
CA ALA D 162 -31.82 16.06 2.72
C ALA D 162 -30.45 16.64 2.96
N TYR D 163 -29.58 15.92 3.67
CA TYR D 163 -28.24 16.38 4.03
C TYR D 163 -27.25 15.67 3.12
N ARG D 164 -26.90 16.34 2.01
CA ARG D 164 -26.02 15.74 1.01
C ARG D 164 -24.59 15.62 1.47
N ILE D 165 -24.21 16.40 2.48
CA ILE D 165 -22.85 16.39 3.02
C ILE D 165 -22.85 15.83 4.45
N CYS D 166 -23.73 16.33 5.30
CA CYS D 166 -23.64 16.13 6.75
C CYS D 166 -24.65 15.13 7.27
N ALA D 167 -25.16 14.23 6.43
CA ALA D 167 -26.10 13.25 6.95
C ALA D 167 -25.43 12.34 7.97
N ASP D 168 -24.11 12.18 7.88
CA ASP D 168 -23.41 11.37 8.87
C ASP D 168 -23.50 12.00 10.26
N ALA D 169 -23.24 13.31 10.35
CA ALA D 169 -23.40 14.02 11.62
C ALA D 169 -24.84 13.94 12.13
N GLU D 170 -25.81 14.13 11.24
CA GLU D 170 -27.20 14.11 11.68
C GLU D 170 -27.60 12.75 12.25
N TRP D 171 -27.06 11.67 11.66
CA TRP D 171 -27.32 10.32 12.16
C TRP D 171 -26.69 10.11 13.55
N VAL D 172 -25.42 10.50 13.70
CA VAL D 172 -24.77 10.32 14.99
C VAL D 172 -25.46 11.16 16.06
N HIS D 173 -25.92 12.37 15.71
CA HIS D 173 -26.64 13.18 16.68
C HIS D 173 -27.92 12.49 17.12
N ARG D 174 -28.61 11.84 16.18
CA ARG D 174 -29.80 11.07 16.53
C ARG D 174 -29.45 9.92 17.46
N ALA D 175 -28.30 9.28 17.24
CA ALA D 175 -27.85 8.21 18.12
C ALA D 175 -27.60 8.73 19.53
N ILE D 176 -26.96 9.89 19.65
CA ILE D 176 -26.73 10.49 20.97
C ILE D 176 -28.05 10.79 21.66
N LYS D 177 -28.98 11.42 20.94
CA LYS D 177 -30.27 11.76 21.52
C LYS D 177 -31.07 10.53 21.90
N SER D 178 -30.81 9.39 21.26
CA SER D 178 -31.47 8.13 21.58
C SER D 178 -30.69 7.29 22.58
N ASP D 179 -29.58 7.82 23.11
CA ASP D 179 -28.76 7.14 24.12
C ASP D 179 -28.25 5.78 23.63
N ILE D 180 -27.85 5.71 22.36
CA ILE D 180 -27.12 4.56 21.86
C ILE D 180 -25.74 4.54 22.52
N SER D 181 -25.33 3.36 22.96
CA SER D 181 -24.05 3.22 23.65
C SER D 181 -22.90 3.26 22.63
N CYS D 182 -21.76 3.77 23.08
CA CYS D 182 -20.62 3.98 22.19
C CYS D 182 -19.33 3.76 22.94
N ARG D 183 -18.38 3.09 22.29
CA ARG D 183 -17.02 2.95 22.79
C ARG D 183 -16.10 3.54 21.74
N LYS D 184 -15.30 4.53 22.15
CA LYS D 184 -14.27 5.11 21.30
C LYS D 184 -12.96 4.37 21.59
N VAL D 185 -12.32 3.90 20.51
CA VAL D 185 -11.06 3.17 20.59
C VAL D 185 -9.94 4.07 20.08
N GLU D 186 -8.87 4.19 20.86
CA GLU D 186 -7.78 5.11 20.53
C GLU D 186 -6.75 4.45 19.62
N GLN D 187 -7.24 3.95 18.49
CA GLN D 187 -6.41 3.41 17.43
C GLN D 187 -6.94 3.91 16.10
N VAL D 188 -6.05 4.08 15.12
CA VAL D 188 -6.47 4.48 13.79
C VAL D 188 -7.18 3.32 13.13
N PHE D 189 -8.46 3.53 12.77
CA PHE D 189 -9.23 2.53 12.05
C PHE D 189 -9.15 2.71 10.53
N VAL D 190 -9.07 3.95 10.06
CA VAL D 190 -9.17 4.27 8.64
C VAL D 190 -8.16 5.33 8.27
N GLU D 191 -7.56 5.18 7.08
CA GLU D 191 -6.80 6.23 6.42
C GLU D 191 -7.71 6.78 5.33
N PHE D 192 -8.16 8.03 5.49
CA PHE D 192 -9.24 8.62 4.70
C PHE D 192 -8.66 9.26 3.45
N GLY D 193 -9.16 8.84 2.29
CA GLY D 193 -8.63 9.34 1.03
C GLY D 193 -9.06 10.76 0.75
N THR D 194 -8.12 11.55 0.24
CA THR D 194 -8.37 12.94 -0.11
C THR D 194 -7.94 13.20 -1.56
N ASN D 201 -17.33 23.82 -1.76
CA ASN D 201 -17.60 25.19 -1.34
C ASN D 201 -17.99 25.21 0.14
N PRO D 202 -17.12 25.76 1.00
CA PRO D 202 -17.41 25.76 2.43
C PRO D 202 -18.76 26.33 2.82
N GLU D 203 -19.34 27.22 2.01
CA GLU D 203 -20.61 27.84 2.37
C GLU D 203 -21.73 26.80 2.44
N GLU D 204 -21.71 25.83 1.51
CA GLU D 204 -22.71 24.77 1.56
C GLU D 204 -22.51 23.88 2.78
N ILE D 205 -21.24 23.63 3.14
CA ILE D 205 -20.96 22.78 4.29
C ILE D 205 -21.43 23.44 5.58
N ILE D 206 -21.08 24.71 5.78
CA ILE D 206 -21.48 25.42 6.98
C ILE D 206 -23.00 25.50 7.06
N ALA D 207 -23.66 25.77 5.94
CA ALA D 207 -25.12 25.84 5.94
C ALA D 207 -25.73 24.51 6.39
N GLU D 208 -25.24 23.39 5.86
CA GLU D 208 -25.78 22.10 6.29
C GLU D 208 -25.49 21.87 7.78
N ALA D 209 -24.29 22.22 8.23
CA ALA D 209 -23.92 21.96 9.62
C ALA D 209 -24.79 22.75 10.57
N CYS D 210 -25.11 24.00 10.23
CA CYS D 210 -26.00 24.80 11.06
C CYS D 210 -27.39 24.19 11.10
N SER D 211 -27.87 23.68 9.96
CA SER D 211 -29.18 23.05 9.92
C SER D 211 -29.22 21.80 10.79
N VAL D 212 -28.15 21.01 10.77
CA VAL D 212 -28.10 19.81 11.61
C VAL D 212 -28.25 20.20 13.08
N ILE D 213 -27.56 21.27 13.50
CA ILE D 213 -27.63 21.71 14.89
C ILE D 213 -29.03 22.19 15.24
N GLN D 214 -29.69 22.90 14.31
CA GLN D 214 -31.04 23.34 14.57
C GLN D 214 -32.02 22.18 14.65
N ARG D 215 -31.71 21.05 14.01
CA ARG D 215 -32.55 19.88 14.15
C ARG D 215 -32.51 19.35 15.57
N ASN D 216 -31.39 19.53 16.28
CA ASN D 216 -31.34 19.18 17.69
C ASN D 216 -32.03 20.24 18.55
N PHE D 217 -31.83 21.51 18.21
CA PHE D 217 -32.24 22.64 19.06
C PHE D 217 -33.00 23.62 18.16
N PRO D 218 -34.28 23.37 17.90
CA PRO D 218 -35.00 24.15 16.87
C PRO D 218 -35.30 25.58 17.25
N PHE D 219 -35.03 25.97 18.50
CA PHE D 219 -35.19 27.35 18.94
C PHE D 219 -34.06 28.26 18.51
N LEU D 220 -32.94 27.71 18.01
CA LEU D 220 -31.80 28.54 17.64
C LEU D 220 -32.01 29.20 16.28
N LEU D 221 -31.61 30.47 16.17
CA LEU D 221 -31.43 31.08 14.86
C LEU D 221 -30.21 30.46 14.18
N LYS D 222 -30.18 30.53 12.85
CA LYS D 222 -29.06 29.92 12.14
C LYS D 222 -27.73 30.55 12.55
N GLU D 223 -27.71 31.86 12.77
CA GLU D 223 -26.48 32.54 13.17
C GLU D 223 -26.04 32.10 14.56
N GLU D 224 -26.99 31.81 15.45
CA GLU D 224 -26.63 31.30 16.78
C GLU D 224 -26.09 29.88 16.70
N ALA D 225 -26.66 29.06 15.82
CA ALA D 225 -26.10 27.74 15.59
C ALA D 225 -24.68 27.84 15.05
N LYS D 226 -24.45 28.79 14.13
CA LYS D 226 -23.12 28.97 13.57
C LYS D 226 -22.13 29.41 14.65
N TYR D 227 -22.55 30.35 15.50
CA TYR D 227 -21.67 30.82 16.55
C TYR D 227 -21.27 29.67 17.48
N LEU D 228 -22.23 28.81 17.83
CA LEU D 228 -21.92 27.67 18.68
C LEU D 228 -20.95 26.71 18.00
N LEU D 229 -21.23 26.38 16.74
CA LEU D 229 -20.35 25.47 15.99
C LEU D 229 -18.94 26.02 15.93
N TYR D 230 -18.79 27.29 15.55
CA TYR D 230 -17.47 27.87 15.47
C TYR D 230 -16.80 27.91 16.84
N GLY D 231 -17.59 28.15 17.89
CA GLY D 231 -17.02 28.24 19.22
C GLY D 231 -16.47 26.91 19.70
N VAL D 232 -17.25 25.83 19.50
CA VAL D 232 -16.80 24.52 19.98
C VAL D 232 -15.61 24.02 19.15
N ARG D 233 -15.58 24.33 17.85
CA ARG D 233 -14.51 23.84 16.99
C ARG D 233 -13.24 24.69 17.08
N GLY D 234 -13.28 25.83 17.75
CA GLY D 234 -12.15 26.71 17.83
C GLY D 234 -12.00 27.67 16.66
N TRP D 235 -13.00 27.75 15.80
CA TRP D 235 -12.95 28.66 14.66
C TRP D 235 -13.41 30.06 15.02
N GLY D 236 -14.06 30.25 16.17
CA GLY D 236 -14.62 31.54 16.54
C GLY D 236 -14.55 31.76 18.03
N GLU D 237 -14.80 33.01 18.43
CA GLU D 237 -14.71 33.43 19.82
C GLU D 237 -15.91 32.92 20.60
N THR D 238 -15.86 33.09 21.93
CA THR D 238 -16.87 32.50 22.80
C THR D 238 -17.50 33.48 23.79
N SER D 239 -17.27 34.79 23.63
CA SER D 239 -17.76 35.76 24.59
C SER D 239 -19.28 35.85 24.63
N ARG D 240 -19.98 35.34 23.61
CA ARG D 240 -21.44 35.37 23.61
C ARG D 240 -22.09 34.08 24.10
N ILE D 241 -21.29 33.08 24.48
CA ILE D 241 -21.88 31.80 24.87
C ILE D 241 -22.81 31.98 26.06
N GLU D 242 -22.38 32.76 27.07
CA GLU D 242 -23.22 32.96 28.24
C GLU D 242 -24.55 33.60 27.86
N GLN D 243 -24.53 34.55 26.93
CA GLN D 243 -25.77 35.18 26.50
C GLN D 243 -26.72 34.17 25.85
N ILE D 244 -26.18 33.31 24.99
CA ILE D 244 -26.99 32.29 24.34
C ILE D 244 -27.57 31.32 25.36
N LEU D 245 -26.76 30.94 26.34
CA LEU D 245 -27.23 30.08 27.42
C LEU D 245 -28.35 30.74 28.22
N ARG D 246 -28.20 32.04 28.53
CA ARG D 246 -29.25 32.72 29.27
C ARG D 246 -30.52 32.84 28.44
N LYS D 247 -30.39 32.97 27.13
CA LYS D 247 -31.54 33.20 26.28
C LYS D 247 -32.39 31.93 26.16
N TYR D 248 -31.74 30.77 26.09
CA TYR D 248 -32.42 29.52 25.76
C TYR D 248 -32.31 28.46 26.84
N GLY D 249 -31.63 28.73 27.95
CA GLY D 249 -31.43 27.70 28.96
C GLY D 249 -32.72 27.03 29.42
N HIS D 250 -33.80 27.80 29.50
CA HIS D 250 -35.06 27.24 29.96
C HIS D 250 -35.62 26.20 29.00
N GLU D 251 -35.21 26.23 27.73
CA GLU D 251 -35.87 25.42 26.72
C GLU D 251 -35.60 23.93 26.91
N SER D 252 -34.43 23.59 27.46
CA SER D 252 -33.96 22.22 27.39
C SER D 252 -32.77 21.97 28.29
N VAL D 253 -32.91 20.99 29.19
CA VAL D 253 -31.77 20.55 29.99
C VAL D 253 -30.68 19.98 29.09
N LEU D 254 -31.06 19.30 28.01
CA LEU D 254 -30.05 18.78 27.08
C LEU D 254 -29.20 19.91 26.51
N PHE D 255 -29.82 21.03 26.18
CA PHE D 255 -29.09 22.17 25.66
C PHE D 255 -28.13 22.74 26.71
N VAL D 256 -28.61 22.89 27.95
CA VAL D 256 -27.72 23.40 29.01
C VAL D 256 -26.53 22.46 29.17
N THR D 257 -26.79 21.15 29.19
CA THR D 257 -25.71 20.18 29.35
C THR D 257 -24.72 20.24 28.19
N ALA D 258 -25.24 20.40 26.96
CA ALA D 258 -24.33 20.49 25.81
C ALA D 258 -23.39 21.68 25.95
N LEU D 259 -23.90 22.83 26.36
CA LEU D 259 -23.05 24.02 26.43
C LEU D 259 -22.06 23.93 27.58
N GLN D 260 -22.47 23.37 28.72
CA GLN D 260 -21.54 23.29 29.85
C GLN D 260 -20.47 22.22 29.61
N GLU D 261 -20.77 21.18 28.83
CA GLU D 261 -19.72 20.24 28.46
C GLU D 261 -18.76 20.86 27.45
N ALA D 262 -19.31 21.59 26.48
CA ALA D 262 -18.48 22.17 25.42
C ALA D 262 -17.62 23.31 25.95
N PHE D 263 -18.15 24.09 26.90
CA PHE D 263 -17.49 25.28 27.42
C PHE D 263 -17.53 25.21 28.94
N PRO D 264 -16.64 24.41 29.55
CA PRO D 264 -16.74 24.18 30.99
C PRO D 264 -16.76 25.45 31.84
N ALA D 265 -16.17 26.54 31.38
CA ALA D 265 -16.15 27.76 32.16
C ALA D 265 -17.53 28.39 32.32
N VAL D 266 -18.48 28.10 31.44
CA VAL D 266 -19.82 28.67 31.58
C VAL D 266 -20.62 27.85 32.59
N GLU D 267 -19.93 26.94 33.29
CA GLU D 267 -20.57 26.20 34.38
C GLU D 267 -21.30 27.14 35.33
N THR D 268 -20.72 28.32 35.61
CA THR D 268 -21.34 29.21 36.59
C THR D 268 -22.69 29.70 36.09
N ALA D 269 -22.80 29.99 34.79
CA ALA D 269 -24.10 30.38 34.24
C ALA D 269 -25.02 29.19 34.10
N ALA D 270 -24.47 28.00 33.81
CA ALA D 270 -25.31 26.83 33.64
C ALA D 270 -26.01 26.45 34.95
N ALA D 271 -25.31 26.60 36.07
CA ALA D 271 -25.93 26.27 37.36
C ALA D 271 -27.19 27.11 37.58
N LEU D 272 -27.17 28.37 37.14
CA LEU D 272 -28.36 29.21 37.29
C LEU D 272 -29.51 28.72 36.41
N GLU D 273 -29.20 28.25 35.19
CA GLU D 273 -30.25 27.74 34.32
C GLU D 273 -30.88 26.48 34.91
N HIS D 274 -30.05 25.56 35.43
CA HIS D 274 -30.60 24.39 36.11
C HIS D 274 -31.44 24.79 37.31
N HIS D 275 -30.95 25.75 38.10
CA HIS D 275 -31.62 26.09 39.35
C HIS D 275 -33.01 26.66 39.11
N HIS D 276 -33.16 27.50 38.08
CA HIS D 276 -34.43 28.18 37.85
C HIS D 276 -35.40 27.35 37.01
N HIS D 277 -34.90 26.53 36.10
CA HIS D 277 -35.74 25.91 35.09
C HIS D 277 -35.77 24.39 35.12
N HIS D 278 -34.78 23.73 35.70
CA HIS D 278 -34.68 22.29 35.62
C HIS D 278 -34.38 21.64 36.97
N1 IMD E . 3.06 -41.95 -6.80
C2 IMD E . 4.38 -42.15 -6.66
N3 IMD E . 5.00 -41.47 -7.63
C4 IMD E . 4.09 -40.87 -8.36
C5 IMD E . 2.88 -41.17 -7.84
HN1 IMD E . 2.45 -42.28 -6.29
H2 IMD E . 4.79 -42.67 -6.00
HN3 IMD E . 5.86 -41.44 -7.75
H4 IMD E . 4.25 -40.33 -9.10
H5 IMD E . 2.05 -40.88 -8.16
CL CL F . -14.17 -16.04 -0.78
CL CL G . -8.00 -19.55 5.41
N1 IMD H . 18.67 -5.17 9.60
C2 IMD H . 19.87 -5.61 10.00
N3 IMD H . 20.79 -5.19 9.12
C4 IMD H . 20.17 -4.50 8.19
C5 IMD H . 18.84 -4.49 8.48
HN1 IMD H . 17.91 -5.30 9.99
H2 IMD H . 20.03 -6.12 10.77
HN3 IMD H . 21.64 -5.35 9.17
H4 IMD H . 20.58 -4.10 7.45
H5 IMD H . 18.18 -4.07 7.99
N1 IMD I . 7.05 12.51 -43.73
C2 IMD I . 5.97 13.25 -44.04
N3 IMD I . 4.98 12.41 -44.38
C4 IMD I . 5.44 11.19 -44.27
C5 IMD I . 6.73 11.25 -43.87
HN1 IMD I . 7.81 12.81 -43.48
H2 IMD I . 5.92 14.17 -44.03
HN3 IMD I . 4.18 12.64 -44.62
H4 IMD I . 4.95 10.41 -44.45
H5 IMD I . 7.29 10.52 -43.71
N1 IMD J . -20.68 8.92 -4.65
C2 IMD J . -21.87 8.39 -4.98
N3 IMD J . -21.81 7.06 -4.76
C4 IMD J . -20.60 6.79 -4.31
C5 IMD J . -19.91 7.95 -4.24
HN1 IMD J . -20.48 9.76 -4.71
H2 IMD J . -22.61 8.85 -5.31
HN3 IMD J . -22.44 6.50 -4.89
H4 IMD J . -20.29 5.94 -4.07
H5 IMD J . -19.02 8.05 -3.95
#